data_4XGP
#
_entry.id   4XGP
#
_cell.length_a   162.520
_cell.length_b   96.230
_cell.length_c   93.940
_cell.angle_alpha   90.00
_cell.angle_beta   98.41
_cell.angle_gamma   90.00
#
_symmetry.space_group_name_H-M   'C 1 2 1'
#
loop_
_entity.id
_entity.type
_entity.pdbx_description
1 polymer "5'/3'-nucleotidase SurE"
2 non-polymer 'MAGNESIUM ION'
3 non-polymer 'PHOSPHATE ION'
4 non-polymer ADENINE
5 non-polymer 1,2-ETHANEDIOL
6 water water
#
_entity_poly.entity_id   1
_entity_poly.type   'polypeptide(L)'
_entity_poly.pdbx_seq_one_letter_code
;MRGSHHHHHHGMASMRILLSNDDGVHAPGIQTLAKALREFADVQVVAPDRNRSGASNSLTLESSLRTFTFDNGDIAVQMG
TPTDCVYLGVNALMRPRPDIVVSGINAGPNLGDDVIYSGTVAAAMAGRHLGFPALAVSLNGYQHYDTAAAVTCALLRGLS
REPLRTGRILNVNVPDLPLAQVKGIRVTRCGSRHPADKVIPQEDPRGNTLYWIGPPGDKYDAGPDTDFAAVDEGYVSVTP
LHVDLTAASAHDVVSDWLDSVGVGTQW
;
_entity_poly.pdbx_strand_id   A,B,C,D
#
# COMPACT_ATOMS: atom_id res chain seq x y z
N SER A 4 8.45 44.55 -23.31
CA SER A 4 7.80 45.89 -23.40
C SER A 4 7.51 46.53 -22.02
N HIS A 5 6.42 46.13 -21.35
CA HIS A 5 6.08 46.60 -19.96
C HIS A 5 7.01 46.05 -18.92
N HIS A 6 7.36 46.86 -17.90
CA HIS A 6 8.36 46.36 -16.90
C HIS A 6 7.79 45.60 -15.70
N HIS A 7 8.00 44.30 -15.68
CA HIS A 7 7.51 43.45 -14.60
C HIS A 7 8.58 42.44 -14.30
N HIS A 8 8.53 41.85 -13.12
CA HIS A 8 9.59 40.90 -12.74
C HIS A 8 9.73 39.76 -13.73
N HIS A 9 8.56 39.28 -14.19
CA HIS A 9 8.49 38.23 -15.16
C HIS A 9 7.76 38.74 -16.40
N HIS A 10 8.16 38.20 -17.56
CA HIS A 10 7.51 38.53 -18.85
C HIS A 10 6.66 37.36 -19.24
N GLY A 11 5.37 37.59 -19.13
CA GLY A 11 4.34 36.62 -19.44
C GLY A 11 3.87 35.96 -18.16
N MET A 12 2.56 35.80 -18.06
CA MET A 12 1.98 35.12 -16.97
C MET A 12 1.94 33.61 -17.17
N ALA A 13 2.18 33.15 -18.38
CA ALA A 13 2.17 31.72 -18.64
C ALA A 13 3.09 31.43 -19.79
N SER A 14 4.37 31.75 -19.61
CA SER A 14 5.30 31.66 -20.69
C SER A 14 5.92 30.30 -20.79
N MET A 15 5.79 29.49 -19.74
CA MET A 15 6.41 28.18 -19.80
C MET A 15 5.47 27.19 -19.16
N ARG A 16 5.48 25.97 -19.68
CA ARG A 16 4.61 24.98 -19.12
C ARG A 16 5.49 24.12 -18.17
N ILE A 17 5.06 24.04 -16.97
CA ILE A 17 5.80 23.33 -15.85
C ILE A 17 4.91 22.24 -15.27
N LEU A 18 5.50 21.05 -15.28
CA LEU A 18 4.98 19.90 -14.53
C LEU A 18 5.71 20.00 -13.19
N LEU A 19 4.95 20.33 -12.14
CA LEU A 19 5.38 20.44 -10.78
C LEU A 19 4.99 19.22 -9.93
N SER A 20 5.99 18.63 -9.31
CA SER A 20 5.75 17.44 -8.53
C SER A 20 6.64 17.56 -7.29
N ASN A 21 6.68 16.50 -6.49
CA ASN A 21 7.50 16.50 -5.30
C ASN A 21 7.49 15.05 -4.78
N ASP A 22 8.12 14.80 -3.63
CA ASP A 22 7.72 13.64 -2.90
C ASP A 22 7.00 13.65 -1.59
N ASP A 23 6.66 14.82 -1.13
CA ASP A 23 5.89 14.93 0.10
C ASP A 23 4.41 14.86 -0.18
N GLY A 24 4.02 14.72 -1.45
CA GLY A 24 2.63 14.73 -1.83
C GLY A 24 1.94 16.06 -2.07
N VAL A 25 0.77 15.98 -2.67
CA VAL A 25 0.09 17.13 -3.21
C VAL A 25 -0.38 18.13 -2.15
N HIS A 26 -0.55 17.69 -0.92
CA HIS A 26 -0.98 18.57 0.15
C HIS A 26 0.19 19.23 0.81
N ALA A 27 1.42 18.86 0.46
CA ALA A 27 2.57 19.48 1.20
C ALA A 27 2.70 21.00 1.08
N PRO A 28 3.04 21.67 2.20
CA PRO A 28 3.31 23.14 2.20
C PRO A 28 4.40 23.51 1.15
N GLY A 29 5.40 22.66 0.98
CA GLY A 29 6.50 22.89 0.04
C GLY A 29 5.96 23.09 -1.37
N ILE A 30 5.12 22.17 -1.81
CA ILE A 30 4.68 22.13 -3.22
C ILE A 30 3.66 23.20 -3.43
N GLN A 31 2.78 23.39 -2.44
CA GLN A 31 1.73 24.41 -2.54
C GLN A 31 2.24 25.84 -2.56
N THR A 32 3.23 26.14 -1.73
CA THR A 32 3.91 27.43 -1.78
C THR A 32 4.59 27.64 -3.10
N LEU A 33 5.30 26.62 -3.60
CA LEU A 33 5.98 26.78 -4.82
C LEU A 33 4.94 26.97 -5.93
N ALA A 34 3.85 26.19 -5.89
CA ALA A 34 2.86 26.26 -6.97
C ALA A 34 2.35 27.65 -7.07
N LYS A 35 2.05 28.25 -5.93
CA LYS A 35 1.50 29.59 -6.00
C LYS A 35 2.48 30.59 -6.63
N ALA A 36 3.75 30.45 -6.29
CA ALA A 36 4.77 31.29 -6.83
C ALA A 36 4.89 31.10 -8.32
N LEU A 37 4.99 29.85 -8.78
CA LEU A 37 5.19 29.54 -10.19
C LEU A 37 3.99 29.99 -11.02
N ARG A 38 2.81 29.99 -10.43
CA ARG A 38 1.64 30.30 -11.23
C ARG A 38 1.61 31.77 -11.57
N GLU A 39 2.46 32.57 -10.94
CA GLU A 39 2.56 34.00 -11.31
C GLU A 39 2.90 34.10 -12.79
N PHE A 40 3.90 33.36 -13.24
CA PHE A 40 4.41 33.57 -14.54
C PHE A 40 4.48 32.33 -15.44
N ALA A 41 4.00 31.17 -14.96
CA ALA A 41 4.11 29.90 -15.68
C ALA A 41 2.74 29.28 -15.76
N ASP A 42 2.61 28.35 -16.67
CA ASP A 42 1.36 27.57 -16.80
C ASP A 42 1.71 26.27 -16.08
N VAL A 43 1.18 26.12 -14.88
CA VAL A 43 1.64 25.08 -13.91
C VAL A 43 0.59 23.95 -13.84
N GLN A 44 1.04 22.73 -13.97
CA GLN A 44 0.24 21.60 -13.61
C GLN A 44 0.98 20.72 -12.57
N VAL A 45 0.34 20.59 -11.42
CA VAL A 45 0.81 19.77 -10.29
C VAL A 45 0.38 18.33 -10.67
N VAL A 46 1.35 17.44 -10.70
CA VAL A 46 1.11 16.02 -10.71
C VAL A 46 2.00 15.47 -9.58
N ALA A 47 1.37 15.04 -8.49
CA ALA A 47 2.17 14.68 -7.28
C ALA A 47 1.55 13.48 -6.54
N PRO A 48 2.34 12.83 -5.63
CA PRO A 48 1.80 11.70 -4.88
C PRO A 48 0.62 12.14 -4.08
N ASP A 49 -0.32 11.23 -3.90
CA ASP A 49 -1.47 11.48 -3.05
C ASP A 49 -1.11 11.68 -1.54
N ARG A 50 0.10 11.29 -1.13
CA ARG A 50 0.57 11.51 0.27
C ARG A 50 2.07 11.50 0.38
N ASN A 51 2.62 11.51 1.59
CA ASN A 51 4.08 11.45 1.74
C ASN A 51 4.87 10.21 1.26
N ARG A 52 5.79 10.41 0.32
CA ARG A 52 6.64 9.32 -0.19
C ARG A 52 8.12 9.56 -0.07
N SER A 53 8.55 10.38 0.89
CA SER A 53 10.02 10.55 1.10
C SER A 53 10.77 9.19 1.15
N GLY A 54 11.88 9.11 0.42
CA GLY A 54 12.59 7.83 0.34
C GLY A 54 11.82 6.77 -0.48
N ALA A 55 10.82 7.25 -1.26
CA ALA A 55 10.35 6.47 -2.37
C ALA A 55 11.49 6.44 -3.35
N SER A 56 12.47 7.37 -3.21
CA SER A 56 13.62 7.41 -4.16
C SER A 56 13.10 7.36 -5.64
N ASN A 57 13.74 6.61 -6.54
CA ASN A 57 13.37 6.40 -7.92
C ASN A 57 12.48 5.17 -8.21
N SER A 58 11.77 4.73 -7.20
CA SER A 58 10.93 3.57 -7.39
C SER A 58 9.79 3.90 -8.39
N LEU A 59 9.21 2.89 -8.95
CA LEU A 59 8.06 3.17 -9.83
C LEU A 59 7.16 1.93 -9.84
N THR A 60 5.94 2.13 -10.34
CA THR A 60 4.85 1.15 -10.19
C THR A 60 4.73 0.53 -11.55
N LEU A 61 5.12 -0.73 -11.62
CA LEU A 61 5.16 -1.46 -12.83
C LEU A 61 4.13 -2.59 -12.90
N GLU A 62 3.68 -3.10 -11.76
CA GLU A 62 2.83 -4.33 -11.84
C GLU A 62 1.36 -4.02 -11.59
N SER A 63 1.08 -2.74 -11.37
CA SER A 63 -0.29 -2.24 -11.32
CA SER A 63 -0.26 -2.26 -11.33
C SER A 63 -0.40 -0.97 -12.20
N SER A 64 -1.59 -0.75 -12.74
CA SER A 64 -1.82 0.58 -13.30
CA SER A 64 -1.97 0.56 -13.26
C SER A 64 -1.89 1.63 -12.20
N LEU A 65 -2.09 2.88 -12.60
CA LEU A 65 -2.35 3.97 -11.63
C LEU A 65 -3.56 4.71 -11.93
N ARG A 66 -4.16 5.20 -10.86
CA ARG A 66 -5.37 5.95 -10.94
C ARG A 66 -5.03 7.37 -10.53
N THR A 67 -5.66 8.38 -11.16
CA THR A 67 -5.41 9.76 -10.81
C THR A 67 -6.63 10.31 -10.13
N PHE A 68 -6.45 11.32 -9.33
CA PHE A 68 -7.55 12.10 -8.78
C PHE A 68 -7.20 13.56 -9.08
N THR A 69 -8.17 14.29 -9.60
CA THR A 69 -7.98 15.69 -9.91
C THR A 69 -8.78 16.52 -8.90
N PHE A 70 -8.10 17.37 -8.18
CA PHE A 70 -8.68 18.32 -7.24
C PHE A 70 -9.37 19.50 -7.92
N ASP A 71 -10.10 20.29 -7.14
CA ASP A 71 -10.78 21.49 -7.67
C ASP A 71 -9.91 22.48 -8.43
N ASN A 72 -8.66 22.67 -7.99
CA ASN A 72 -7.80 23.68 -8.59
C ASN A 72 -7.06 23.12 -9.76
N GLY A 73 -7.37 21.88 -10.13
CA GLY A 73 -6.66 21.22 -11.22
C GLY A 73 -5.45 20.40 -10.76
N ASP A 74 -5.00 20.49 -9.50
CA ASP A 74 -3.92 19.51 -9.08
C ASP A 74 -4.29 18.03 -9.34
N ILE A 75 -3.34 17.25 -9.85
CA ILE A 75 -3.48 15.83 -10.02
C ILE A 75 -2.66 15.10 -8.94
N ALA A 76 -3.32 14.28 -8.14
CA ALA A 76 -2.61 13.30 -7.27
C ALA A 76 -2.63 12.00 -8.02
N VAL A 77 -1.48 11.31 -8.11
CA VAL A 77 -1.46 9.95 -8.56
C VAL A 77 -1.59 9.05 -7.31
N GLN A 78 -2.74 8.38 -7.21
CA GLN A 78 -3.07 7.51 -6.08
C GLN A 78 -1.99 6.43 -5.96
N MET A 79 -1.30 6.47 -4.81
N MET A 79 -1.30 6.40 -4.82
CA MET A 79 -0.14 5.63 -4.48
CA MET A 79 -0.20 5.46 -4.61
C MET A 79 1.01 5.77 -5.44
C MET A 79 0.92 5.66 -5.62
N GLY A 80 1.01 6.84 -6.25
CA GLY A 80 2.06 6.96 -7.26
C GLY A 80 3.38 7.37 -6.58
N THR A 81 4.51 6.90 -7.09
CA THR A 81 5.79 7.44 -6.66
C THR A 81 6.07 8.72 -7.42
N PRO A 82 6.98 9.54 -6.91
CA PRO A 82 7.40 10.74 -7.64
C PRO A 82 7.79 10.41 -9.10
N THR A 83 8.53 9.33 -9.35
CA THR A 83 8.83 8.99 -10.70
C THR A 83 7.52 8.67 -11.45
N ASP A 84 6.57 8.00 -10.79
CA ASP A 84 5.32 7.66 -11.59
C ASP A 84 4.68 8.97 -11.98
N CYS A 85 4.63 9.94 -11.05
CA CYS A 85 3.93 11.14 -11.29
C CYS A 85 4.46 11.91 -12.50
N VAL A 86 5.77 12.10 -12.55
CA VAL A 86 6.42 12.81 -13.66
C VAL A 86 6.26 12.03 -14.95
N TYR A 87 6.51 10.71 -14.88
CA TYR A 87 6.43 9.89 -16.05
C TYR A 87 5.01 9.96 -16.64
N LEU A 88 3.97 9.86 -15.78
CA LEU A 88 2.59 9.96 -16.28
C LEU A 88 2.30 11.36 -16.76
N GLY A 89 2.62 12.38 -15.95
CA GLY A 89 2.39 13.77 -16.29
C GLY A 89 3.00 14.12 -17.65
N VAL A 90 4.22 13.69 -17.86
CA VAL A 90 4.90 13.98 -19.10
C VAL A 90 4.30 13.21 -20.28
N ASN A 91 4.03 11.95 -20.05
CA ASN A 91 3.80 11.11 -21.20
C ASN A 91 2.34 10.84 -21.51
N ALA A 92 1.40 11.29 -20.67
CA ALA A 92 0.05 10.90 -20.81
C ALA A 92 -0.85 11.98 -20.38
N LEU A 93 -0.63 12.52 -19.22
CA LEU A 93 -1.66 13.38 -18.67
C LEU A 93 -1.72 14.81 -19.20
N MET A 94 -0.58 15.41 -19.41
CA MET A 94 -0.50 16.82 -19.74
C MET A 94 -0.64 17.12 -21.21
N ARG A 95 -1.55 18.03 -21.48
CA ARG A 95 -1.62 18.59 -22.83
C ARG A 95 -1.93 20.05 -22.61
N PRO A 96 -1.10 20.91 -23.11
CA PRO A 96 0.10 20.69 -23.89
C PRO A 96 1.19 20.07 -22.91
N ARG A 97 2.14 19.33 -23.42
CA ARG A 97 3.17 18.72 -22.60
C ARG A 97 4.05 19.80 -21.89
N PRO A 98 4.74 19.43 -20.81
CA PRO A 98 5.52 20.41 -20.09
C PRO A 98 6.76 20.83 -20.83
N ASP A 99 7.26 22.02 -20.56
CA ASP A 99 8.53 22.46 -21.08
C ASP A 99 9.63 22.01 -20.06
N ILE A 100 9.20 21.75 -18.85
CA ILE A 100 10.18 21.44 -17.79
C ILE A 100 9.50 20.78 -16.61
N VAL A 101 10.29 20.03 -15.84
CA VAL A 101 9.77 19.49 -14.58
C VAL A 101 10.46 20.22 -13.44
N VAL A 102 9.68 20.77 -12.51
CA VAL A 102 10.17 21.24 -11.25
C VAL A 102 9.65 20.28 -10.17
N SER A 103 10.52 19.94 -9.23
CA SER A 103 10.18 19.01 -8.14
C SER A 103 10.50 19.65 -6.81
N GLY A 104 9.48 19.87 -5.95
CA GLY A 104 9.81 20.59 -4.74
C GLY A 104 8.64 21.44 -4.32
N ILE A 105 8.79 22.33 -3.33
CA ILE A 105 9.96 22.42 -2.49
C ILE A 105 9.91 21.30 -1.41
N ASN A 106 10.92 20.46 -1.40
CA ASN A 106 10.99 19.43 -0.37
C ASN A 106 11.25 19.96 1.04
N ALA A 107 10.55 19.43 2.05
CA ALA A 107 10.81 19.78 3.47
C ALA A 107 12.00 18.97 3.95
N GLY A 108 13.17 19.58 3.82
CA GLY A 108 14.41 18.91 4.13
C GLY A 108 15.39 18.77 2.98
N PRO A 109 16.70 18.71 3.32
CA PRO A 109 17.71 18.76 2.27
C PRO A 109 17.85 17.45 1.56
N ASN A 110 18.44 17.51 0.38
CA ASN A 110 18.74 16.35 -0.38
C ASN A 110 20.14 16.64 -0.79
N LEU A 111 21.06 16.28 0.12
CA LEU A 111 22.48 16.58 -0.06
C LEU A 111 23.31 15.33 -0.06
N GLY A 112 24.46 15.42 -0.70
CA GLY A 112 25.44 14.40 -0.54
C GLY A 112 25.04 13.13 -1.23
N ASP A 113 25.38 11.99 -0.61
CA ASP A 113 25.05 10.68 -1.22
C ASP A 113 23.63 10.23 -0.91
N ASP A 114 22.91 11.03 -0.13
CA ASP A 114 21.47 10.96 -0.01
C ASP A 114 20.67 11.23 -1.30
N VAL A 115 21.27 11.92 -2.27
CA VAL A 115 20.51 12.29 -3.46
C VAL A 115 20.00 11.06 -4.24
N ILE A 116 20.76 9.97 -4.25
CA ILE A 116 20.28 8.77 -4.91
C ILE A 116 19.02 8.15 -4.23
N TYR A 117 18.69 8.60 -3.01
CA TYR A 117 17.56 8.09 -2.23
C TYR A 117 16.35 9.07 -2.26
N SER A 118 16.48 10.22 -2.93
CA SER A 118 15.52 11.28 -2.77
C SER A 118 14.48 11.08 -3.90
N GLY A 119 13.24 11.16 -3.50
CA GLY A 119 12.12 11.08 -4.40
C GLY A 119 11.97 12.44 -5.04
N THR A 120 12.37 13.51 -4.32
CA THR A 120 12.45 14.83 -4.90
C THR A 120 13.29 14.84 -6.09
N VAL A 121 14.49 14.31 -5.94
CA VAL A 121 15.45 14.22 -7.04
C VAL A 121 14.99 13.26 -8.13
N ALA A 122 14.35 12.14 -7.75
CA ALA A 122 13.89 11.18 -8.75
C ALA A 122 12.82 11.85 -9.66
N ALA A 123 11.95 12.70 -9.15
CA ALA A 123 10.92 13.31 -10.04
C ALA A 123 11.59 14.23 -11.03
N ALA A 124 12.59 15.03 -10.58
CA ALA A 124 13.31 15.86 -11.49
C ALA A 124 14.04 14.99 -12.47
N MET A 125 14.61 13.88 -11.99
N MET A 125 14.64 13.89 -12.00
CA MET A 125 15.35 12.94 -12.91
CA MET A 125 15.37 12.99 -12.96
C MET A 125 14.49 12.33 -14.02
C MET A 125 14.46 12.46 -14.08
N ALA A 126 13.20 12.18 -13.73
CA ALA A 126 12.26 11.66 -14.75
C ALA A 126 11.94 12.78 -15.78
N GLY A 127 12.22 14.04 -15.45
CA GLY A 127 12.00 15.13 -16.37
C GLY A 127 13.22 15.61 -17.10
N ARG A 128 14.27 14.80 -17.09
CA ARG A 128 15.56 15.22 -17.65
C ARG A 128 15.57 15.38 -19.18
N HIS A 129 14.67 14.70 -19.87
CA HIS A 129 14.68 14.73 -21.31
C HIS A 129 14.00 15.91 -21.89
N LEU A 130 13.48 16.82 -21.08
CA LEU A 130 12.66 17.89 -21.67
C LEU A 130 13.56 19.03 -22.11
N GLY A 131 12.96 20.07 -22.64
CA GLY A 131 13.73 21.16 -23.20
C GLY A 131 14.56 21.93 -22.19
N PHE A 132 14.00 22.18 -20.99
CA PHE A 132 14.71 22.82 -19.95
C PHE A 132 15.22 21.77 -18.96
N PRO A 133 16.36 22.03 -18.29
CA PRO A 133 16.77 21.07 -17.28
C PRO A 133 15.76 21.01 -16.16
N ALA A 134 15.52 19.80 -15.66
CA ALA A 134 14.66 19.58 -14.53
C ALA A 134 15.32 20.14 -13.27
N LEU A 135 14.55 20.81 -12.40
CA LEU A 135 14.99 21.31 -11.09
C LEU A 135 14.39 20.48 -9.92
N ALA A 136 15.24 20.06 -8.96
CA ALA A 136 14.83 19.47 -7.69
C ALA A 136 15.14 20.54 -6.65
N VAL A 137 14.16 20.96 -5.87
CA VAL A 137 14.41 22.06 -5.00
C VAL A 137 14.06 21.57 -3.59
N SER A 138 15.05 21.62 -2.71
CA SER A 138 14.78 21.17 -1.32
C SER A 138 15.25 22.25 -0.31
N LEU A 139 14.43 22.51 0.69
CA LEU A 139 14.71 23.52 1.68
C LEU A 139 15.52 22.82 2.81
N ASN A 140 16.61 23.43 3.29
CA ASN A 140 17.40 22.84 4.40
C ASN A 140 16.72 23.05 5.74
N GLY A 141 15.51 22.53 5.88
CA GLY A 141 14.66 22.95 6.97
C GLY A 141 13.20 22.96 6.58
N TYR A 142 12.34 23.63 7.37
CA TYR A 142 10.87 23.56 7.23
C TYR A 142 10.27 24.94 7.26
N GLN A 143 11.12 25.92 7.44
CA GLN A 143 10.62 27.27 7.66
C GLN A 143 10.43 28.05 6.37
N HIS A 144 11.53 28.38 5.71
CA HIS A 144 11.52 29.38 4.63
C HIS A 144 11.19 28.85 3.25
N TYR A 145 10.03 28.25 3.12
CA TYR A 145 9.50 27.94 1.77
C TYR A 145 9.56 29.14 0.81
N ASP A 146 9.21 30.32 1.32
CA ASP A 146 9.26 31.57 0.59
CA ASP A 146 9.23 31.54 0.54
C ASP A 146 10.61 31.79 -0.07
N THR A 147 11.69 31.53 0.68
CA THR A 147 13.02 31.68 0.14
C THR A 147 13.30 30.68 -0.97
N ALA A 148 12.92 29.43 -0.76
CA ALA A 148 13.17 28.38 -1.78
C ALA A 148 12.38 28.72 -3.07
N ALA A 149 11.19 29.25 -2.88
CA ALA A 149 10.30 29.63 -4.02
C ALA A 149 10.95 30.78 -4.83
N ALA A 150 11.49 31.77 -4.12
CA ALA A 150 12.16 32.90 -4.77
C ALA A 150 13.36 32.41 -5.54
N VAL A 151 14.13 31.52 -4.95
CA VAL A 151 15.26 30.97 -5.66
C VAL A 151 14.87 30.23 -6.95
N THR A 152 13.88 29.39 -6.82
CA THR A 152 13.41 28.62 -7.96
C THR A 152 12.84 29.56 -8.99
N CYS A 153 12.06 30.55 -8.58
CA CYS A 153 11.57 31.55 -9.57
C CYS A 153 12.70 32.27 -10.30
N ALA A 154 13.85 32.48 -9.62
CA ALA A 154 14.92 33.26 -10.16
C ALA A 154 15.59 32.34 -11.16
N LEU A 155 15.63 31.03 -10.90
CA LEU A 155 16.35 30.17 -11.89
C LEU A 155 15.46 30.01 -13.14
N LEU A 156 14.18 29.94 -12.88
CA LEU A 156 13.20 29.77 -13.99
C LEU A 156 13.17 31.01 -14.88
N ARG A 157 13.18 32.18 -14.27
CA ARG A 157 13.24 33.41 -15.06
C ARG A 157 14.56 33.37 -15.85
N GLY A 158 15.62 32.87 -15.22
CA GLY A 158 16.90 32.86 -15.84
C GLY A 158 16.86 31.97 -17.05
N LEU A 159 16.10 30.87 -17.00
CA LEU A 159 16.02 29.91 -18.12
C LEU A 159 15.22 30.59 -19.24
N SER A 160 14.34 31.50 -18.89
CA SER A 160 13.60 32.29 -19.89
CA SER A 160 13.60 32.29 -19.90
C SER A 160 14.54 33.28 -20.59
N ARG A 161 15.55 33.80 -19.87
CA ARG A 161 16.50 34.72 -20.49
C ARG A 161 17.42 33.96 -21.45
N GLU A 162 17.89 32.79 -21.04
CA GLU A 162 18.89 32.07 -21.80
C GLU A 162 18.81 30.57 -21.47
N PRO A 163 18.77 29.72 -22.51
CA PRO A 163 18.63 28.30 -22.18
C PRO A 163 19.91 27.78 -21.53
N LEU A 164 19.77 26.77 -20.68
CA LEU A 164 20.96 26.14 -20.13
C LEU A 164 21.31 24.97 -21.01
N ARG A 165 22.55 25.00 -21.49
CA ARG A 165 22.97 24.22 -22.66
C ARG A 165 23.37 22.78 -22.28
N THR A 166 24.26 22.64 -21.31
CA THR A 166 24.65 21.34 -20.75
C THR A 166 24.12 21.13 -19.31
N GLY A 167 23.64 19.94 -19.01
CA GLY A 167 23.28 19.66 -17.65
C GLY A 167 21.79 19.53 -17.49
N ARG A 168 21.35 18.30 -17.22
CA ARG A 168 19.96 17.96 -17.42
C ARG A 168 19.12 18.00 -16.17
N ILE A 169 19.77 17.83 -15.00
CA ILE A 169 19.08 17.97 -13.72
C ILE A 169 19.87 18.91 -12.88
N LEU A 170 19.21 19.78 -12.12
CA LEU A 170 19.93 20.62 -11.25
C LEU A 170 19.35 20.33 -9.93
N ASN A 171 20.20 19.93 -8.98
CA ASN A 171 19.71 19.74 -7.64
C ASN A 171 20.02 20.95 -6.85
N VAL A 172 18.98 21.54 -6.27
CA VAL A 172 19.05 22.84 -5.68
C VAL A 172 18.69 22.71 -4.22
N ASN A 173 19.61 23.10 -3.32
CA ASN A 173 19.33 23.08 -1.92
C ASN A 173 19.37 24.48 -1.42
N VAL A 174 18.42 24.86 -0.62
CA VAL A 174 18.33 26.25 -0.30
C VAL A 174 18.42 26.38 1.22
N PRO A 175 19.23 27.34 1.71
CA PRO A 175 19.37 27.42 3.14
C PRO A 175 18.06 27.89 3.69
N ASP A 176 17.75 27.40 4.88
CA ASP A 176 16.50 27.75 5.50
C ASP A 176 16.64 29.13 6.17
N LEU A 177 16.88 30.17 5.36
CA LEU A 177 17.07 31.53 5.86
C LEU A 177 16.14 32.50 5.16
N PRO A 178 15.83 33.66 5.81
CA PRO A 178 15.13 34.65 4.99
C PRO A 178 15.96 34.89 3.78
N LEU A 179 15.30 35.21 2.66
CA LEU A 179 16.00 35.46 1.39
C LEU A 179 17.16 36.43 1.55
N ALA A 180 16.95 37.52 2.32
CA ALA A 180 18.02 38.55 2.45
C ALA A 180 19.35 38.02 3.04
N GLN A 181 19.33 36.87 3.71
CA GLN A 181 20.53 36.33 4.34
C GLN A 181 21.22 35.23 3.55
N VAL A 182 20.62 34.84 2.43
CA VAL A 182 21.25 33.84 1.57
C VAL A 182 22.36 34.59 0.86
N LYS A 183 23.56 34.01 0.88
CA LYS A 183 24.73 34.71 0.43
C LYS A 183 24.88 34.73 -1.08
N GLY A 184 24.25 33.78 -1.73
CA GLY A 184 24.48 33.59 -3.13
C GLY A 184 24.26 32.17 -3.54
N ILE A 185 24.93 31.81 -4.61
CA ILE A 185 24.75 30.51 -5.21
CA ILE A 185 24.77 30.49 -5.19
C ILE A 185 26.10 29.94 -5.53
N ARG A 186 26.26 28.64 -5.30
CA ARG A 186 27.46 27.98 -5.72
C ARG A 186 27.11 26.81 -6.55
N VAL A 187 27.90 26.54 -7.55
CA VAL A 187 27.75 25.34 -8.26
C VAL A 187 28.61 24.34 -7.48
N THR A 188 28.00 23.25 -7.05
CA THR A 188 28.71 22.34 -6.13
C THR A 188 28.83 20.93 -6.65
N ARG A 189 29.59 20.12 -5.91
CA ARG A 189 29.57 18.70 -6.13
C ARG A 189 28.89 18.05 -4.92
N CYS A 190 28.39 16.81 -5.08
CA CYS A 190 27.73 16.10 -3.97
C CYS A 190 28.81 15.73 -2.96
N GLY A 191 28.63 16.15 -1.73
CA GLY A 191 29.52 15.59 -0.63
C GLY A 191 29.17 14.13 -0.32
N SER A 192 29.63 13.60 0.82
CA SER A 192 29.34 12.20 1.18
C SER A 192 29.28 11.95 2.66
N ARG A 193 28.73 10.77 3.00
CA ARG A 193 28.47 10.47 4.38
C ARG A 193 29.12 9.15 4.73
N HIS A 194 29.40 8.96 6.02
CA HIS A 194 29.64 7.62 6.57
C HIS A 194 28.37 6.79 6.34
N PRO A 195 28.47 5.46 6.30
CA PRO A 195 27.27 4.58 6.32
C PRO A 195 26.39 4.89 7.52
N ALA A 196 25.09 4.99 7.29
CA ALA A 196 24.12 5.03 8.39
C ALA A 196 24.26 3.65 9.06
N ASP A 197 24.11 3.62 10.38
CA ASP A 197 24.37 2.39 11.11
C ASP A 197 23.40 2.14 12.26
N LYS A 198 22.41 3.01 12.43
CA LYS A 198 21.44 2.81 13.51
C LYS A 198 20.22 2.04 13.00
N VAL A 199 19.81 1.05 13.77
CA VAL A 199 18.53 0.41 13.59
C VAL A 199 17.82 0.53 14.91
N ILE A 200 16.63 1.10 14.91
CA ILE A 200 15.89 1.29 16.18
C ILE A 200 14.78 0.25 16.35
N PRO A 201 14.97 -0.75 17.23
CA PRO A 201 13.90 -1.72 17.45
C PRO A 201 12.75 -1.14 18.29
N GLN A 202 11.53 -1.60 18.03
CA GLN A 202 10.36 -1.15 18.77
C GLN A 202 9.38 -2.32 18.81
N GLU A 203 9.06 -2.80 20.00
CA GLU A 203 8.11 -3.90 20.22
C GLU A 203 6.70 -3.52 19.82
N ASP A 204 6.01 -4.40 19.09
CA ASP A 204 4.57 -4.15 18.86
C ASP A 204 3.76 -4.59 20.13
N PRO A 205 2.45 -4.30 20.17
CA PRO A 205 1.63 -4.71 21.31
C PRO A 205 1.67 -6.20 21.63
N ARG A 206 2.06 -7.05 20.67
CA ARG A 206 2.19 -8.48 20.87
C ARG A 206 3.62 -8.87 21.30
N GLY A 207 4.49 -7.89 21.45
CA GLY A 207 5.91 -8.16 21.75
C GLY A 207 6.72 -8.72 20.59
N ASN A 208 6.29 -8.48 19.36
CA ASN A 208 7.18 -8.69 18.22
C ASN A 208 8.11 -7.51 18.06
N THR A 209 9.36 -7.78 17.70
CA THR A 209 10.31 -6.69 17.51
C THR A 209 10.22 -6.23 16.08
N LEU A 210 9.81 -4.98 15.88
CA LEU A 210 9.88 -4.34 14.58
C LEU A 210 11.09 -3.38 14.56
N TYR A 211 11.54 -3.01 13.35
CA TYR A 211 12.77 -2.22 13.18
C TYR A 211 12.58 -0.96 12.37
N TRP A 212 13.03 0.15 12.95
CA TRP A 212 13.10 1.39 12.22
C TRP A 212 14.45 1.61 11.61
N ILE A 213 14.44 2.21 10.44
CA ILE A 213 15.69 2.62 9.81
C ILE A 213 16.16 3.89 10.53
N GLY A 214 17.40 3.89 11.02
CA GLY A 214 17.92 5.08 11.72
C GLY A 214 18.33 6.23 10.78
N PRO A 215 18.83 7.35 11.36
CA PRO A 215 19.21 8.52 10.55
C PRO A 215 20.44 8.28 9.65
N PRO A 216 20.68 9.17 8.66
CA PRO A 216 21.83 8.93 7.76
C PRO A 216 23.16 8.99 8.55
N GLY A 217 24.24 8.47 7.99
CA GLY A 217 25.47 8.53 8.75
C GLY A 217 26.09 9.93 8.77
N ASP A 218 27.06 10.14 9.64
CA ASP A 218 27.82 11.40 9.69
C ASP A 218 28.38 11.85 8.35
N LYS A 219 28.53 13.17 8.19
CA LYS A 219 29.29 13.70 7.04
C LYS A 219 30.70 13.18 6.97
N TYR A 220 31.14 12.83 5.80
CA TYR A 220 32.47 12.31 5.59
C TYR A 220 33.24 13.29 4.74
N ASP A 221 32.68 13.62 3.58
CA ASP A 221 33.30 14.60 2.75
C ASP A 221 32.38 15.78 2.62
N ALA A 222 32.70 16.83 3.35
CA ALA A 222 32.03 18.11 3.28
C ALA A 222 33.06 19.20 2.86
N GLY A 223 33.87 18.90 1.85
CA GLY A 223 34.90 19.82 1.49
C GLY A 223 34.34 21.11 0.90
N PRO A 224 35.24 22.05 0.56
CA PRO A 224 34.83 23.43 0.24
C PRO A 224 33.92 23.55 -0.99
N ASP A 225 34.03 22.67 -1.99
CA ASP A 225 33.11 22.85 -3.16
C ASP A 225 31.90 21.86 -3.08
N THR A 226 31.62 21.34 -1.89
CA THR A 226 30.49 20.42 -1.80
CA THR A 226 30.49 20.41 -1.70
C THR A 226 29.20 21.15 -1.50
N ASP A 227 28.13 20.43 -1.84
CA ASP A 227 26.79 20.89 -1.53
C ASP A 227 26.61 21.06 -0.03
N PHE A 228 27.16 20.15 0.78
CA PHE A 228 27.05 20.35 2.26
C PHE A 228 27.62 21.71 2.68
N ALA A 229 28.77 22.00 2.15
CA ALA A 229 29.55 23.23 2.59
C ALA A 229 28.79 24.49 2.14
N ALA A 230 28.33 24.45 0.89
CA ALA A 230 27.60 25.58 0.35
C ALA A 230 26.49 25.93 1.28
N VAL A 231 25.67 24.92 1.62
CA VAL A 231 24.48 25.23 2.41
C VAL A 231 24.83 25.62 3.84
N ASP A 232 25.79 24.92 4.43
CA ASP A 232 26.25 25.33 5.79
C ASP A 232 26.67 26.79 5.81
N GLU A 233 27.34 27.24 4.76
CA GLU A 233 27.83 28.61 4.72
C GLU A 233 26.80 29.64 4.29
N GLY A 234 25.57 29.21 4.06
CA GLY A 234 24.48 30.10 3.73
C GLY A 234 24.27 30.35 2.26
N TYR A 235 24.87 29.52 1.39
CA TYR A 235 24.65 29.63 -0.06
C TYR A 235 23.60 28.58 -0.54
N VAL A 236 22.93 28.88 -1.66
CA VAL A 236 22.08 27.93 -2.34
C VAL A 236 23.17 27.14 -3.03
N SER A 237 23.06 25.84 -2.96
CA SER A 237 23.88 24.87 -3.72
C SER A 237 23.15 24.46 -4.97
N VAL A 238 23.85 24.38 -6.11
CA VAL A 238 23.22 23.83 -7.24
C VAL A 238 24.24 22.85 -7.72
N THR A 239 23.86 21.57 -7.73
CA THR A 239 24.68 20.52 -8.32
C THR A 239 24.06 19.98 -9.55
N PRO A 240 24.75 20.07 -10.68
CA PRO A 240 24.13 19.33 -11.77
C PRO A 240 24.27 17.82 -11.50
N LEU A 241 23.25 17.03 -11.88
CA LEU A 241 23.25 15.56 -11.70
CA LEU A 241 23.25 15.57 -11.69
C LEU A 241 23.06 14.85 -13.00
N HIS A 242 23.57 13.62 -13.09
CA HIS A 242 23.12 12.71 -14.13
C HIS A 242 22.64 11.43 -13.53
N VAL A 243 22.10 10.57 -14.38
CA VAL A 243 21.59 9.29 -13.96
C VAL A 243 22.62 8.19 -14.18
N ASP A 244 23.74 8.47 -14.86
CA ASP A 244 24.70 7.38 -15.21
C ASP A 244 25.46 7.01 -13.90
N LEU A 245 25.42 5.75 -13.48
CA LEU A 245 26.04 5.43 -12.17
C LEU A 245 27.43 4.86 -12.35
N THR A 246 27.93 4.82 -13.58
CA THR A 246 29.25 4.24 -13.85
C THR A 246 30.33 4.98 -13.07
N ALA A 247 31.16 4.22 -12.37
CA ALA A 247 32.31 4.80 -11.62
C ALA A 247 33.45 4.80 -12.63
N ALA A 248 33.50 5.85 -13.45
CA ALA A 248 34.44 5.89 -14.57
C ALA A 248 35.87 5.80 -14.03
N SER A 249 36.10 6.44 -12.90
CA SER A 249 37.45 6.52 -12.40
C SER A 249 37.89 5.23 -11.71
N ALA A 250 37.06 4.18 -11.78
CA ALA A 250 37.43 2.89 -11.20
C ALA A 250 37.68 1.93 -12.32
N HIS A 251 37.43 2.36 -13.55
CA HIS A 251 37.43 1.39 -14.65
C HIS A 251 38.71 0.61 -14.82
N ASP A 252 39.84 1.31 -14.76
CA ASP A 252 41.13 0.70 -15.01
C ASP A 252 41.48 -0.27 -13.91
N VAL A 253 41.31 0.19 -12.68
CA VAL A 253 41.59 -0.64 -11.49
C VAL A 253 40.81 -1.94 -11.55
N VAL A 254 39.52 -1.84 -11.90
CA VAL A 254 38.70 -3.07 -12.00
C VAL A 254 39.23 -3.92 -13.14
N SER A 255 39.58 -3.25 -14.24
CA SER A 255 40.04 -4.00 -15.40
C SER A 255 41.36 -4.75 -15.10
N ASP A 256 42.29 -4.05 -14.46
CA ASP A 256 43.55 -4.72 -14.07
C ASP A 256 43.34 -5.85 -13.10
N TRP A 257 42.46 -5.60 -12.12
CA TRP A 257 42.11 -6.63 -11.15
C TRP A 257 41.64 -7.89 -11.84
N LEU A 258 40.71 -7.77 -12.77
CA LEU A 258 40.18 -8.95 -13.41
C LEU A 258 41.28 -9.70 -14.11
N ASP A 259 42.12 -8.97 -14.87
CA ASP A 259 43.27 -9.59 -15.58
C ASP A 259 44.11 -10.29 -14.56
N SER A 260 44.43 -9.59 -13.48
CA SER A 260 45.29 -10.13 -12.49
C SER A 260 44.78 -11.42 -11.86
N VAL A 261 43.53 -11.49 -11.43
CA VAL A 261 43.08 -12.75 -10.79
C VAL A 261 42.56 -13.70 -11.84
N GLY A 262 42.41 -13.20 -13.07
CA GLY A 262 42.00 -14.01 -14.20
C GLY A 262 40.63 -14.65 -14.13
N VAL A 263 39.70 -13.99 -13.46
CA VAL A 263 38.33 -14.51 -13.41
C VAL A 263 37.76 -14.60 -14.81
N GLY A 264 37.18 -15.75 -15.14
CA GLY A 264 36.53 -15.90 -16.44
C GLY A 264 37.45 -16.03 -17.64
N THR A 265 38.77 -16.03 -17.41
N THR A 265 38.77 -16.04 -17.41
CA THR A 265 39.75 -16.31 -18.45
CA THR A 265 39.77 -16.26 -18.47
C THR A 265 40.59 -17.59 -18.28
C THR A 265 40.52 -17.60 -18.26
N GLN A 266 40.64 -18.43 -19.31
CA GLN A 266 41.07 -19.86 -19.20
C GLN A 266 42.23 -20.10 -18.27
N TRP A 267 43.28 -19.28 -18.41
CA TRP A 267 44.54 -19.40 -17.66
C TRP A 267 44.78 -18.32 -16.66
N GLY B 11 41.71 -22.96 4.22
CA GLY B 11 41.76 -21.46 4.13
C GLY B 11 41.47 -20.77 5.47
N MET B 12 42.13 -19.64 5.68
CA MET B 12 42.19 -19.01 7.01
C MET B 12 40.83 -18.48 7.50
N ALA B 13 39.97 -18.05 6.58
CA ALA B 13 38.69 -17.47 6.96
C ALA B 13 37.58 -17.86 6.02
N SER B 14 36.40 -18.08 6.59
CA SER B 14 35.18 -18.29 5.78
C SER B 14 34.65 -16.92 5.31
N MET B 15 34.11 -16.86 4.11
CA MET B 15 33.48 -15.62 3.65
C MET B 15 32.05 -15.59 4.15
N ARG B 16 31.66 -14.48 4.74
CA ARG B 16 30.33 -14.40 5.29
C ARG B 16 29.55 -13.41 4.43
N ILE B 17 28.49 -13.89 3.83
CA ILE B 17 27.89 -13.15 2.71
C ILE B 17 26.48 -12.85 3.10
N LEU B 18 26.09 -11.60 3.00
CA LEU B 18 24.68 -11.22 3.11
C LEU B 18 24.08 -11.25 1.67
N LEU B 19 23.11 -12.13 1.45
CA LEU B 19 22.50 -12.32 0.16
C LEU B 19 21.10 -11.75 0.15
N SER B 20 20.83 -10.92 -0.84
CA SER B 20 19.54 -10.30 -0.96
C SER B 20 19.15 -10.34 -2.41
N ASN B 21 18.03 -9.69 -2.71
CA ASN B 21 17.56 -9.58 -4.09
C ASN B 21 16.37 -8.66 -4.20
N ASP B 22 15.78 -8.67 -5.39
CA ASP B 22 14.67 -7.77 -5.72
C ASP B 22 13.39 -8.62 -5.80
N ASP B 23 13.57 -9.89 -6.17
CA ASP B 23 12.42 -10.79 -6.41
C ASP B 23 11.81 -11.48 -5.20
N GLY B 24 12.35 -11.23 -4.01
CA GLY B 24 11.91 -11.79 -2.72
C GLY B 24 12.54 -13.12 -2.36
N VAL B 25 12.35 -13.59 -1.13
CA VAL B 25 13.07 -14.83 -0.67
C VAL B 25 12.75 -16.09 -1.43
N HIS B 26 11.56 -16.14 -2.04
CA HIS B 26 11.13 -17.38 -2.70
C HIS B 26 11.63 -17.47 -4.08
N ALA B 27 12.26 -16.41 -4.59
CA ALA B 27 12.66 -16.40 -5.99
C ALA B 27 13.71 -17.45 -6.33
N PRO B 28 13.54 -18.13 -7.48
CA PRO B 28 14.53 -19.16 -7.80
C PRO B 28 15.96 -18.62 -7.99
N GLY B 29 16.09 -17.39 -8.51
CA GLY B 29 17.37 -16.76 -8.71
C GLY B 29 18.16 -16.68 -7.38
N ILE B 30 17.53 -16.24 -6.32
CA ILE B 30 18.26 -16.07 -5.05
C ILE B 30 18.45 -17.42 -4.40
N GLN B 31 17.51 -18.35 -4.60
CA GLN B 31 17.65 -19.67 -3.94
C GLN B 31 18.73 -20.51 -4.61
N THR B 32 18.87 -20.35 -5.92
CA THR B 32 19.93 -21.02 -6.68
C THR B 32 21.32 -20.48 -6.35
N LEU B 33 21.39 -19.16 -6.28
CA LEU B 33 22.65 -18.55 -5.91
C LEU B 33 22.99 -18.96 -4.47
N ALA B 34 22.04 -18.90 -3.52
CA ALA B 34 22.34 -19.26 -2.16
C ALA B 34 22.93 -20.66 -2.05
N LYS B 35 22.35 -21.57 -2.83
CA LYS B 35 22.75 -22.96 -2.80
C LYS B 35 24.20 -23.05 -3.26
N ALA B 36 24.49 -22.42 -4.38
CA ALA B 36 25.87 -22.37 -4.92
C ALA B 36 26.91 -21.70 -3.96
N LEU B 37 26.53 -20.59 -3.29
CA LEU B 37 27.48 -19.84 -2.45
C LEU B 37 27.80 -20.68 -1.25
N ARG B 38 26.79 -21.40 -0.73
CA ARG B 38 26.93 -22.20 0.49
C ARG B 38 27.83 -23.39 0.31
N GLU B 39 28.24 -23.70 -0.91
CA GLU B 39 29.27 -24.72 -1.02
C GLU B 39 30.58 -24.33 -0.35
N PHE B 40 30.87 -23.02 -0.27
CA PHE B 40 32.15 -22.54 0.24
C PHE B 40 32.01 -21.39 1.24
N ALA B 41 30.84 -20.76 1.28
CA ALA B 41 30.67 -19.56 2.11
C ALA B 41 29.59 -19.75 3.11
N ASP B 42 29.60 -18.95 4.16
CA ASP B 42 28.45 -18.77 5.00
C ASP B 42 27.56 -17.69 4.39
N VAL B 43 26.26 -17.93 4.36
CA VAL B 43 25.29 -17.08 3.63
C VAL B 43 24.12 -16.83 4.55
N GLN B 44 23.80 -15.57 4.76
CA GLN B 44 22.56 -15.22 5.45
C GLN B 44 21.71 -14.49 4.38
N VAL B 45 20.49 -14.97 4.17
CA VAL B 45 19.57 -14.35 3.23
C VAL B 45 18.77 -13.39 4.04
N VAL B 46 18.69 -12.16 3.55
CA VAL B 46 17.71 -11.25 4.09
C VAL B 46 17.10 -10.59 2.85
N ALA B 47 15.83 -10.82 2.58
CA ALA B 47 15.28 -10.38 1.29
C ALA B 47 13.78 -10.05 1.44
N PRO B 48 13.21 -9.31 0.46
CA PRO B 48 11.78 -9.01 0.51
C PRO B 48 10.94 -10.28 0.67
N ASP B 49 9.84 -10.15 1.41
CA ASP B 49 8.90 -11.27 1.61
C ASP B 49 8.22 -11.73 0.34
N ARG B 50 8.12 -10.85 -0.65
CA ARG B 50 7.45 -11.21 -1.91
C ARG B 50 8.14 -10.56 -3.09
N ASN B 51 7.87 -11.07 -4.29
CA ASN B 51 8.41 -10.47 -5.51
C ASN B 51 7.65 -9.24 -5.89
N ARG B 52 8.21 -8.09 -5.52
CA ARG B 52 7.61 -6.82 -5.86
C ARG B 52 8.45 -6.24 -7.00
N SER B 53 7.77 -5.47 -7.87
CA SER B 53 8.41 -4.81 -8.99
C SER B 53 8.70 -3.33 -8.75
N GLY B 54 9.89 -2.92 -9.17
CA GLY B 54 10.18 -1.48 -9.29
C GLY B 54 10.59 -0.68 -8.04
N ALA B 55 11.09 -1.35 -6.98
CA ALA B 55 11.47 -0.65 -5.74
C ALA B 55 12.66 0.25 -5.87
N SER B 56 13.56 0.01 -6.81
CA SER B 56 14.71 0.87 -6.94
C SER B 56 15.42 0.87 -5.56
N ASN B 57 15.96 2.00 -5.15
CA ASN B 57 16.45 2.11 -3.79
C ASN B 57 15.60 2.89 -2.85
N SER B 58 14.30 2.76 -2.97
CA SER B 58 13.41 3.22 -1.95
C SER B 58 13.76 2.50 -0.66
N LEU B 59 13.38 3.11 0.44
CA LEU B 59 13.46 2.50 1.74
C LEU B 59 12.33 2.99 2.57
N THR B 60 12.07 2.21 3.58
CA THR B 60 10.94 2.37 4.46
C THR B 60 11.38 3.21 5.65
N LEU B 61 10.93 4.45 5.64
CA LEU B 61 11.18 5.39 6.71
C LEU B 61 9.93 5.69 7.58
N GLU B 62 8.73 5.66 7.02
CA GLU B 62 7.54 6.12 7.78
C GLU B 62 6.99 5.05 8.74
N SER B 63 7.40 3.79 8.53
CA SER B 63 7.03 2.67 9.35
CA SER B 63 7.06 2.76 9.48
C SER B 63 8.23 1.82 9.75
N SER B 64 8.09 1.10 10.85
CA SER B 64 9.00 0.06 11.24
C SER B 64 8.74 -1.17 10.39
N LEU B 65 9.70 -2.06 10.36
CA LEU B 65 9.61 -3.19 9.47
C LEU B 65 9.53 -4.43 10.31
N ARG B 66 8.80 -5.42 9.81
CA ARG B 66 8.59 -6.70 10.46
C ARG B 66 9.44 -7.75 9.72
N THR B 67 10.04 -8.71 10.42
CA THR B 67 10.86 -9.73 9.75
C THR B 67 10.30 -11.10 10.04
N PHE B 68 10.67 -12.10 9.23
CA PHE B 68 10.16 -13.45 9.45
C PHE B 68 11.28 -14.36 9.12
N THR B 69 11.52 -15.32 9.97
CA THR B 69 12.59 -16.23 9.73
C THR B 69 12.08 -17.59 9.39
N PHE B 70 12.48 -18.11 8.25
CA PHE B 70 12.13 -19.44 7.84
C PHE B 70 12.96 -20.46 8.60
N ASP B 71 12.59 -21.72 8.46
CA ASP B 71 13.22 -22.86 9.10
C ASP B 71 14.64 -22.99 8.68
N ASN B 72 14.91 -22.73 7.40
CA ASN B 72 16.29 -22.74 6.93
C ASN B 72 17.09 -21.50 7.37
N GLY B 73 16.50 -20.60 8.17
CA GLY B 73 17.24 -19.40 8.57
C GLY B 73 17.11 -18.17 7.66
N ASP B 74 16.65 -18.37 6.43
CA ASP B 74 16.36 -17.20 5.57
C ASP B 74 15.51 -16.18 6.34
N ILE B 75 15.81 -14.88 6.16
CA ILE B 75 14.97 -13.79 6.69
C ILE B 75 14.24 -13.04 5.57
N ALA B 76 12.92 -12.85 5.74
CA ALA B 76 12.14 -12.02 4.79
C ALA B 76 11.74 -10.80 5.54
N VAL B 77 11.85 -9.64 4.92
CA VAL B 77 11.40 -8.47 5.58
C VAL B 77 10.05 -8.20 4.93
N GLN B 78 9.03 -8.05 5.76
CA GLN B 78 7.68 -7.91 5.29
C GLN B 78 7.48 -6.51 4.70
N MET B 79 7.10 -6.46 3.41
CA MET B 79 7.01 -5.21 2.66
C MET B 79 8.39 -4.48 2.61
N GLY B 80 9.48 -5.20 2.89
CA GLY B 80 10.81 -4.56 2.87
C GLY B 80 11.22 -4.34 1.44
N THR B 81 11.85 -3.19 1.18
CA THR B 81 12.52 -3.01 -0.07
C THR B 81 13.87 -3.72 -0.08
N PRO B 82 14.46 -3.83 -1.27
CA PRO B 82 15.80 -4.39 -1.37
C PRO B 82 16.77 -3.70 -0.39
N THR B 83 16.76 -2.36 -0.43
CA THR B 83 17.56 -1.52 0.45
C THR B 83 17.27 -1.76 1.96
N ASP B 84 15.98 -1.89 2.30
CA ASP B 84 15.56 -2.16 3.67
C ASP B 84 16.25 -3.40 4.14
N CYS B 85 16.24 -4.42 3.30
CA CYS B 85 16.74 -5.72 3.72
C CYS B 85 18.25 -5.66 3.97
N VAL B 86 19.01 -5.06 3.05
CA VAL B 86 20.46 -4.94 3.25
C VAL B 86 20.75 -4.08 4.45
N TYR B 87 20.04 -2.96 4.59
CA TYR B 87 20.29 -2.11 5.74
C TYR B 87 20.11 -2.89 7.04
N LEU B 88 18.99 -3.58 7.15
CA LEU B 88 18.74 -4.33 8.42
C LEU B 88 19.71 -5.45 8.58
N GLY B 89 20.10 -6.08 7.48
CA GLY B 89 21.04 -7.17 7.53
C GLY B 89 22.44 -6.76 8.04
N VAL B 90 22.95 -5.67 7.50
CA VAL B 90 24.26 -5.13 7.87
C VAL B 90 24.29 -4.59 9.27
N ASN B 91 23.23 -3.90 9.63
CA ASN B 91 23.24 -3.19 10.86
C ASN B 91 22.59 -3.83 12.05
N ALA B 92 21.87 -4.92 11.87
CA ALA B 92 21.14 -5.47 13.03
C ALA B 92 21.10 -6.97 12.95
N LEU B 93 20.73 -7.51 11.80
CA LEU B 93 20.47 -8.95 11.73
C LEU B 93 21.65 -9.90 11.58
N MET B 94 22.80 -9.44 11.10
CA MET B 94 23.96 -10.31 11.01
C MET B 94 25.09 -9.80 11.90
N ARG B 95 25.46 -10.58 12.92
CA ARG B 95 26.53 -10.13 13.83
C ARG B 95 27.63 -11.20 13.79
N PRO B 96 28.89 -10.81 13.54
CA PRO B 96 29.30 -9.47 13.11
C PRO B 96 28.78 -9.20 11.69
N ARG B 97 29.04 -8.00 11.19
CA ARG B 97 28.54 -7.56 9.89
C ARG B 97 29.13 -8.51 8.83
N PRO B 98 28.46 -8.60 7.69
CA PRO B 98 28.85 -9.45 6.59
C PRO B 98 30.16 -8.96 5.98
N ASP B 99 30.86 -9.81 5.23
CA ASP B 99 31.98 -9.33 4.54
C ASP B 99 31.53 -8.53 3.34
N ILE B 100 30.32 -8.85 2.80
CA ILE B 100 30.02 -8.45 1.45
C ILE B 100 28.54 -8.67 1.27
N VAL B 101 27.97 -7.86 0.40
CA VAL B 101 26.58 -8.02 0.06
C VAL B 101 26.56 -8.52 -1.36
N VAL B 102 25.73 -9.54 -1.55
CA VAL B 102 25.55 -10.03 -2.89
C VAL B 102 24.04 -9.98 -3.12
N SER B 103 23.64 -9.41 -4.24
CA SER B 103 22.26 -9.20 -4.56
C SER B 103 21.94 -9.90 -5.92
N GLY B 104 20.99 -10.83 -5.89
CA GLY B 104 20.71 -11.60 -7.11
C GLY B 104 20.39 -13.04 -6.72
N ILE B 105 20.31 -13.93 -7.70
CA ILE B 105 20.42 -13.55 -9.10
C ILE B 105 19.09 -13.01 -9.61
N ASN B 106 19.12 -11.85 -10.24
CA ASN B 106 17.88 -11.26 -10.71
C ASN B 106 17.41 -11.90 -12.01
N ALA B 107 16.12 -12.22 -12.09
CA ALA B 107 15.48 -12.68 -13.34
C ALA B 107 15.34 -11.47 -14.22
N GLY B 108 16.24 -11.29 -15.18
CA GLY B 108 16.16 -10.06 -16.00
C GLY B 108 17.36 -9.14 -15.82
N PRO B 109 17.77 -8.46 -16.91
CA PRO B 109 18.95 -7.65 -16.96
C PRO B 109 18.77 -6.35 -16.22
N ASN B 110 19.89 -5.78 -15.75
CA ASN B 110 19.86 -4.48 -15.19
C ASN B 110 20.97 -3.69 -15.86
N LEU B 111 20.63 -3.02 -16.95
CA LEU B 111 21.60 -2.41 -17.83
C LEU B 111 21.27 -0.97 -18.15
N GLY B 112 22.34 -0.27 -18.48
CA GLY B 112 22.29 1.03 -19.07
C GLY B 112 21.88 2.02 -18.02
N ASP B 113 20.97 2.90 -18.41
CA ASP B 113 20.46 3.90 -17.46
C ASP B 113 19.24 3.39 -16.65
N ASP B 114 18.83 2.14 -16.89
CA ASP B 114 17.89 1.39 -16.02
C ASP B 114 18.46 1.16 -14.61
N VAL B 115 19.78 1.13 -14.48
CA VAL B 115 20.40 0.61 -13.23
C VAL B 115 19.89 1.38 -12.03
N ILE B 116 19.67 2.66 -12.19
CA ILE B 116 19.20 3.49 -11.06
C ILE B 116 17.81 3.08 -10.54
N TYR B 117 17.02 2.41 -11.40
CA TYR B 117 15.69 1.90 -11.07
C TYR B 117 15.70 0.49 -10.49
N SER B 118 16.88 -0.11 -10.44
CA SER B 118 16.99 -1.52 -10.14
C SER B 118 17.11 -1.72 -8.65
N GLY B 119 16.19 -2.53 -8.14
CA GLY B 119 16.23 -2.95 -6.76
C GLY B 119 17.38 -3.88 -6.47
N THR B 120 17.70 -4.74 -7.44
CA THR B 120 18.86 -5.61 -7.34
C THR B 120 20.13 -4.78 -7.11
N VAL B 121 20.30 -3.70 -7.84
CA VAL B 121 21.50 -2.86 -7.72
C VAL B 121 21.41 -2.12 -6.44
N ALA B 122 20.20 -1.74 -6.09
CA ALA B 122 20.07 -0.97 -4.83
C ALA B 122 20.56 -1.74 -3.57
N ALA B 123 20.25 -3.04 -3.56
CA ALA B 123 20.61 -3.89 -2.41
C ALA B 123 22.15 -3.93 -2.39
N ALA B 124 22.80 -4.15 -3.54
CA ALA B 124 24.24 -4.04 -3.54
C ALA B 124 24.78 -2.66 -3.08
N MET B 125 24.21 -1.61 -3.65
CA MET B 125 24.66 -0.26 -3.33
CA MET B 125 24.40 -0.20 -3.34
C MET B 125 24.47 0.03 -1.83
N ALA B 126 23.61 -0.69 -1.12
CA ALA B 126 23.49 -0.55 0.34
C ALA B 126 24.64 -1.29 1.05
N GLY B 127 25.38 -2.18 0.37
CA GLY B 127 26.48 -2.85 1.07
C GLY B 127 27.85 -2.34 0.55
N ARG B 128 27.88 -1.10 0.09
CA ARG B 128 29.08 -0.51 -0.50
C ARG B 128 30.18 -0.16 0.52
N HIS B 129 29.87 -0.24 1.82
CA HIS B 129 30.83 0.12 2.84
C HIS B 129 31.33 -1.06 3.63
N LEU B 130 31.25 -2.23 3.03
CA LEU B 130 31.76 -3.53 3.65
C LEU B 130 33.19 -3.83 3.14
N GLY B 131 33.77 -4.96 3.52
CA GLY B 131 35.21 -5.25 3.27
C GLY B 131 35.48 -5.64 1.86
N PHE B 132 34.40 -5.91 1.12
CA PHE B 132 34.54 -6.27 -0.28
C PHE B 132 33.49 -5.46 -1.09
N PRO B 133 33.76 -5.26 -2.37
CA PRO B 133 32.78 -4.53 -3.17
C PRO B 133 31.53 -5.42 -3.34
N ALA B 134 30.38 -4.77 -3.27
CA ALA B 134 29.10 -5.48 -3.33
C ALA B 134 28.87 -5.91 -4.75
N LEU B 135 28.25 -7.06 -4.98
CA LEU B 135 27.91 -7.52 -6.31
C LEU B 135 26.40 -7.47 -6.53
N ALA B 136 26.02 -6.96 -7.70
CA ALA B 136 24.60 -7.00 -8.10
C ALA B 136 24.71 -7.96 -9.24
N VAL B 137 23.88 -9.00 -9.20
CA VAL B 137 23.97 -10.05 -10.20
C VAL B 137 22.59 -10.24 -10.88
N SER B 138 22.51 -9.94 -12.17
CA SER B 138 21.26 -10.09 -12.97
C SER B 138 21.54 -11.04 -14.15
N LEU B 139 20.62 -11.96 -14.39
CA LEU B 139 20.65 -12.85 -15.59
C LEU B 139 19.88 -12.16 -16.71
N ASN B 140 20.43 -12.16 -17.91
CA ASN B 140 19.74 -11.56 -19.02
C ASN B 140 18.61 -12.49 -19.53
N GLY B 141 17.67 -12.83 -18.66
CA GLY B 141 16.83 -13.99 -18.92
C GLY B 141 16.37 -14.71 -17.67
N TYR B 142 15.74 -15.86 -17.86
CA TYR B 142 15.05 -16.54 -16.78
C TYR B 142 15.56 -17.96 -16.72
N GLN B 143 16.51 -18.31 -17.58
CA GLN B 143 16.89 -19.71 -17.73
C GLN B 143 18.11 -20.14 -16.91
N HIS B 144 19.28 -19.62 -17.25
CA HIS B 144 20.51 -20.15 -16.71
C HIS B 144 20.99 -19.52 -15.43
N TYR B 145 20.20 -19.67 -14.37
CA TYR B 145 20.63 -19.30 -13.03
C TYR B 145 21.97 -19.96 -12.70
N ASP B 146 22.14 -21.21 -13.15
CA ASP B 146 23.37 -21.96 -12.95
CA ASP B 146 23.38 -21.94 -12.91
C ASP B 146 24.60 -21.19 -13.45
N THR B 147 24.48 -20.63 -14.64
CA THR B 147 25.58 -19.89 -15.22
C THR B 147 25.89 -18.62 -14.37
N ALA B 148 24.84 -17.86 -14.04
CA ALA B 148 25.06 -16.66 -13.23
C ALA B 148 25.61 -17.03 -11.81
N ALA B 149 25.13 -18.14 -11.22
CA ALA B 149 25.67 -18.64 -9.93
C ALA B 149 27.18 -18.91 -10.05
N ALA B 150 27.56 -19.53 -11.16
CA ALA B 150 28.94 -19.92 -11.36
C ALA B 150 29.79 -18.71 -11.56
N VAL B 151 29.26 -17.73 -12.31
CA VAL B 151 29.99 -16.52 -12.61
C VAL B 151 30.17 -15.78 -11.30
N THR B 152 29.12 -15.78 -10.46
CA THR B 152 29.21 -15.10 -9.15
C THR B 152 30.25 -15.79 -8.27
N CYS B 153 30.15 -17.11 -8.17
CA CYS B 153 31.21 -17.86 -7.46
C CYS B 153 32.59 -17.51 -7.93
N ALA B 154 32.82 -17.49 -9.24
CA ALA B 154 34.14 -17.14 -9.78
C ALA B 154 34.58 -15.74 -9.33
N LEU B 155 33.67 -14.77 -9.45
CA LEU B 155 34.03 -13.42 -9.00
C LEU B 155 34.51 -13.41 -7.54
N LEU B 156 33.80 -14.14 -6.72
CA LEU B 156 33.98 -14.05 -5.30
C LEU B 156 35.31 -14.71 -4.88
N ARG B 157 35.65 -15.79 -5.58
CA ARG B 157 36.93 -16.46 -5.38
C ARG B 157 38.03 -15.52 -5.84
N GLY B 158 37.77 -14.81 -6.93
CA GLY B 158 38.66 -13.79 -7.39
C GLY B 158 38.95 -12.68 -6.38
N LEU B 159 37.89 -12.18 -5.73
CA LEU B 159 38.00 -11.09 -4.75
C LEU B 159 38.72 -11.48 -3.50
N SER B 160 38.59 -12.76 -3.16
CA SER B 160 39.29 -13.29 -2.01
C SER B 160 40.76 -13.62 -2.32
N ARG B 161 41.07 -13.89 -3.59
CA ARG B 161 42.45 -14.06 -4.01
C ARG B 161 43.22 -12.74 -4.00
N GLU B 162 42.65 -11.69 -4.60
CA GLU B 162 43.29 -10.36 -4.55
C GLU B 162 42.20 -9.30 -4.34
N PRO B 163 42.44 -8.39 -3.42
CA PRO B 163 41.40 -7.45 -3.08
C PRO B 163 41.20 -6.47 -4.24
N LEU B 164 39.97 -6.02 -4.46
CA LEU B 164 39.77 -5.05 -5.51
C LEU B 164 39.82 -3.73 -4.78
N ARG B 165 40.81 -2.91 -5.16
CA ARG B 165 41.16 -1.69 -4.44
C ARG B 165 40.17 -0.52 -4.66
N THR B 166 39.59 -0.41 -5.83
CA THR B 166 38.69 0.72 -6.11
C THR B 166 37.41 0.21 -6.74
N GLY B 167 36.29 0.80 -6.33
CA GLY B 167 34.96 0.39 -6.88
C GLY B 167 34.23 -0.33 -5.76
N ARG B 168 33.19 0.30 -5.20
CA ARG B 168 32.52 -0.29 -4.03
C ARG B 168 31.35 -1.16 -4.44
N ILE B 169 30.98 -1.13 -5.72
CA ILE B 169 29.78 -1.88 -6.20
C ILE B 169 30.14 -2.40 -7.57
N LEU B 170 29.94 -3.69 -7.81
CA LEU B 170 30.08 -4.17 -9.17
C LEU B 170 28.73 -4.63 -9.74
N ASN B 171 28.28 -4.01 -10.83
CA ASN B 171 27.07 -4.43 -11.46
C ASN B 171 27.37 -5.50 -12.51
N VAL B 172 26.93 -6.73 -12.24
CA VAL B 172 27.31 -7.89 -13.06
C VAL B 172 26.06 -8.34 -13.81
N ASN B 173 26.14 -8.30 -15.13
CA ASN B 173 25.09 -8.86 -15.94
C ASN B 173 25.62 -10.05 -16.71
N VAL B 174 24.88 -11.16 -16.60
CA VAL B 174 25.30 -12.46 -17.11
C VAL B 174 24.43 -12.86 -18.30
N PRO B 175 25.06 -13.17 -19.44
CA PRO B 175 24.32 -13.65 -20.60
C PRO B 175 23.46 -14.85 -20.19
N ASP B 176 22.24 -14.96 -20.73
CA ASP B 176 21.40 -16.13 -20.40
C ASP B 176 21.81 -17.33 -21.26
N LEU B 177 22.99 -17.87 -20.99
CA LEU B 177 23.56 -18.97 -21.77
C LEU B 177 24.05 -20.07 -20.87
N PRO B 178 24.27 -21.28 -21.43
CA PRO B 178 24.99 -22.29 -20.67
C PRO B 178 26.40 -21.78 -20.44
N LEU B 179 27.00 -22.10 -19.30
CA LEU B 179 28.31 -21.52 -18.95
C LEU B 179 29.38 -21.65 -20.07
N ALA B 180 29.48 -22.84 -20.67
CA ALA B 180 30.49 -23.10 -21.70
C ALA B 180 30.42 -22.14 -22.90
N GLN B 181 29.26 -21.55 -23.15
CA GLN B 181 29.15 -20.57 -24.24
C GLN B 181 29.44 -19.11 -23.85
N VAL B 182 29.58 -18.83 -22.55
CA VAL B 182 29.93 -17.47 -22.11
C VAL B 182 31.38 -17.16 -22.50
N LYS B 183 31.58 -16.12 -23.28
CA LYS B 183 32.87 -15.82 -23.81
C LYS B 183 33.94 -15.44 -22.80
N GLY B 184 33.54 -14.77 -21.74
CA GLY B 184 34.47 -14.18 -20.82
C GLY B 184 33.78 -13.05 -20.10
N ILE B 185 34.57 -12.14 -19.57
CA ILE B 185 34.08 -11.04 -18.80
CA ILE B 185 34.10 -11.02 -18.78
C ILE B 185 34.71 -9.75 -19.32
N ARG B 186 33.92 -8.68 -19.39
CA ARG B 186 34.45 -7.38 -19.78
C ARG B 186 33.99 -6.41 -18.74
N VAL B 187 34.88 -5.50 -18.38
CA VAL B 187 34.57 -4.32 -17.58
C VAL B 187 33.94 -3.36 -18.57
N THR B 188 32.86 -2.69 -18.17
CA THR B 188 32.05 -1.96 -19.15
C THR B 188 31.58 -0.71 -18.49
N ARG B 189 30.94 0.16 -19.26
CA ARG B 189 30.30 1.32 -18.68
C ARG B 189 28.82 1.12 -18.98
N CYS B 190 27.97 1.87 -18.27
CA CYS B 190 26.55 1.77 -18.53
C CYS B 190 26.24 2.43 -19.88
N GLY B 191 25.58 1.69 -20.74
CA GLY B 191 24.90 2.27 -21.89
C GLY B 191 23.79 3.24 -21.52
N SER B 192 23.07 3.70 -22.55
CA SER B 192 21.93 4.55 -22.31
C SER B 192 20.78 4.18 -23.24
N ARG B 193 19.59 4.67 -22.91
CA ARG B 193 18.38 4.46 -23.70
C ARG B 193 17.81 5.79 -24.12
N HIS B 194 16.99 5.79 -25.18
CA HIS B 194 16.15 6.97 -25.48
C HIS B 194 15.14 7.16 -24.38
N PRO B 195 14.58 8.37 -24.20
CA PRO B 195 13.55 8.44 -23.17
C PRO B 195 12.44 7.42 -23.39
N ALA B 196 11.99 6.82 -22.32
CA ALA B 196 10.81 5.98 -22.34
C ALA B 196 9.66 6.94 -22.46
N ASP B 197 8.68 6.62 -23.29
CA ASP B 197 7.55 7.52 -23.48
C ASP B 197 6.18 6.85 -23.59
N LYS B 198 6.12 5.54 -23.64
CA LYS B 198 4.81 4.85 -23.65
C LYS B 198 4.16 4.81 -22.30
N VAL B 199 2.90 5.17 -22.33
CA VAL B 199 1.95 4.89 -21.29
C VAL B 199 0.86 4.08 -21.99
N ILE B 200 0.38 3.01 -21.31
CA ILE B 200 -0.69 2.21 -21.83
C ILE B 200 -1.91 2.45 -20.96
N PRO B 201 -2.88 3.20 -21.48
CA PRO B 201 -4.11 3.51 -20.81
C PRO B 201 -5.06 2.28 -20.88
N GLN B 202 -5.82 2.09 -19.82
CA GLN B 202 -6.79 0.98 -19.75
C GLN B 202 -7.90 1.46 -18.91
N GLU B 203 -9.09 1.38 -19.47
CA GLU B 203 -10.31 1.74 -18.80
CA GLU B 203 -10.24 1.83 -18.70
C GLU B 203 -10.66 0.73 -17.72
N ASP B 204 -11.14 1.20 -16.58
CA ASP B 204 -11.66 0.33 -15.56
C ASP B 204 -13.15 0.04 -15.96
N PRO B 205 -13.86 -0.86 -15.22
CA PRO B 205 -15.26 -1.13 -15.63
C PRO B 205 -16.19 0.06 -15.56
N ARG B 206 -15.83 1.12 -14.83
CA ARG B 206 -16.68 2.31 -14.73
C ARG B 206 -16.31 3.35 -15.76
N GLY B 207 -15.47 3.01 -16.74
CA GLY B 207 -15.06 4.00 -17.71
C GLY B 207 -13.93 4.96 -17.30
N ASN B 208 -13.34 4.78 -16.10
CA ASN B 208 -12.19 5.60 -15.66
C ASN B 208 -10.93 5.10 -16.32
N THR B 209 -10.04 6.02 -16.72
CA THR B 209 -8.78 5.63 -17.37
C THR B 209 -7.71 5.52 -16.26
N LEU B 210 -7.09 4.34 -16.24
CA LEU B 210 -5.94 4.04 -15.42
C LEU B 210 -4.75 3.90 -16.35
N TYR B 211 -3.54 3.99 -15.79
CA TYR B 211 -2.38 4.06 -16.66
C TYR B 211 -1.32 3.11 -16.22
N TRP B 212 -0.86 2.33 -17.18
CA TRP B 212 0.31 1.51 -17.07
C TRP B 212 1.52 2.21 -17.58
N ILE B 213 2.61 2.07 -16.81
CA ILE B 213 3.87 2.57 -17.25
C ILE B 213 4.39 1.60 -18.30
N GLY B 214 4.82 2.12 -19.44
CA GLY B 214 5.20 1.23 -20.51
C GLY B 214 6.64 0.76 -20.49
N PRO B 215 7.08 0.13 -21.59
CA PRO B 215 8.42 -0.43 -21.68
C PRO B 215 9.52 0.65 -21.68
N PRO B 216 10.80 0.25 -21.55
CA PRO B 216 11.87 1.26 -21.58
C PRO B 216 12.06 1.86 -22.96
N GLY B 217 12.79 2.96 -23.04
CA GLY B 217 13.05 3.58 -24.35
C GLY B 217 14.00 2.68 -25.11
N ASP B 218 14.13 2.92 -26.41
CA ASP B 218 15.05 2.10 -27.18
C ASP B 218 16.51 2.39 -26.77
N LYS B 219 17.36 1.36 -26.88
CA LYS B 219 18.80 1.51 -26.71
C LYS B 219 19.34 2.65 -27.56
N TYR B 220 20.13 3.51 -26.93
CA TYR B 220 20.69 4.66 -27.60
C TYR B 220 22.22 4.55 -27.62
N ASP B 221 22.84 4.47 -26.45
CA ASP B 221 24.29 4.23 -26.35
C ASP B 221 24.48 2.76 -25.94
N ALA B 222 24.78 1.95 -26.94
CA ALA B 222 24.99 0.53 -26.78
C ALA B 222 26.26 0.15 -27.56
N GLY B 223 27.22 1.06 -27.58
CA GLY B 223 28.44 0.82 -28.34
C GLY B 223 29.34 -0.25 -27.74
N PRO B 224 30.55 -0.40 -28.33
CA PRO B 224 31.50 -1.48 -28.05
C PRO B 224 31.87 -1.70 -26.58
N ASP B 225 32.02 -0.64 -25.79
CA ASP B 225 32.42 -0.78 -24.38
C ASP B 225 31.26 -0.73 -23.34
N THR B 226 30.02 -0.77 -23.82
CA THR B 226 28.87 -0.71 -22.94
C THR B 226 28.51 -2.08 -22.44
N ASP B 227 27.78 -2.09 -21.33
CA ASP B 227 27.22 -3.29 -20.73
C ASP B 227 26.33 -4.02 -21.72
N PHE B 228 25.46 -3.23 -22.38
CA PHE B 228 24.56 -3.75 -23.46
C PHE B 228 25.31 -4.59 -24.51
N ALA B 229 26.36 -3.99 -25.09
CA ALA B 229 27.21 -4.65 -26.07
C ALA B 229 27.76 -5.94 -25.50
N ALA B 230 28.37 -5.87 -24.31
CA ALA B 230 29.05 -7.03 -23.74
C ALA B 230 28.11 -8.23 -23.61
N VAL B 231 26.94 -7.97 -23.05
CA VAL B 231 25.95 -9.01 -22.88
C VAL B 231 25.48 -9.57 -24.23
N ASP B 232 25.22 -8.70 -25.20
CA ASP B 232 24.78 -9.15 -26.54
C ASP B 232 25.81 -10.07 -27.20
N GLU B 233 27.08 -9.72 -27.04
CA GLU B 233 28.15 -10.53 -27.57
C GLU B 233 28.49 -11.75 -26.76
N GLY B 234 27.66 -12.11 -25.77
CA GLY B 234 27.92 -13.32 -24.98
C GLY B 234 28.95 -13.23 -23.85
N TYR B 235 29.40 -12.01 -23.51
CA TYR B 235 30.26 -11.75 -22.35
C TYR B 235 29.48 -11.34 -21.09
N VAL B 236 29.98 -11.75 -19.93
CA VAL B 236 29.54 -11.17 -18.68
C VAL B 236 30.01 -9.72 -18.69
N SER B 237 29.12 -8.81 -18.31
CA SER B 237 29.47 -7.41 -18.17
C SER B 237 29.68 -7.06 -16.70
N VAL B 238 30.75 -6.35 -16.43
CA VAL B 238 31.01 -5.86 -15.09
C VAL B 238 31.18 -4.34 -15.14
N THR B 239 30.25 -3.63 -14.51
CA THR B 239 30.39 -2.20 -14.47
C THR B 239 30.48 -1.80 -13.02
N PRO B 240 31.55 -1.11 -12.65
CA PRO B 240 31.63 -0.58 -11.33
C PRO B 240 30.73 0.62 -11.25
N LEU B 241 30.06 0.76 -10.12
CA LEU B 241 29.13 1.84 -10.00
C LEU B 241 29.47 2.64 -8.78
N HIS B 242 28.95 3.86 -8.71
CA HIS B 242 29.12 4.61 -7.46
C HIS B 242 27.87 5.34 -7.22
N VAL B 243 27.68 5.87 -6.03
CA VAL B 243 26.46 6.58 -5.73
C VAL B 243 26.47 8.10 -5.99
N ASP B 244 27.60 8.64 -6.42
CA ASP B 244 27.75 10.05 -6.56
C ASP B 244 27.08 10.38 -7.91
N LEU B 245 26.01 11.16 -7.89
CA LEU B 245 25.22 11.50 -9.11
C LEU B 245 25.75 12.79 -9.79
N THR B 246 26.81 13.38 -9.20
CA THR B 246 27.38 14.62 -9.71
C THR B 246 27.72 14.51 -11.15
N ALA B 247 27.21 15.45 -11.96
CA ALA B 247 27.61 15.53 -13.39
C ALA B 247 28.71 16.62 -13.48
N ALA B 248 29.94 16.23 -13.15
CA ALA B 248 31.07 17.18 -13.08
C ALA B 248 31.33 17.91 -14.39
N SER B 249 31.12 17.23 -15.52
CA SER B 249 31.35 17.83 -16.83
C SER B 249 30.44 19.06 -17.07
N ALA B 250 29.38 19.19 -16.27
CA ALA B 250 28.43 20.28 -16.45
C ALA B 250 28.74 21.47 -15.57
N HIS B 251 29.77 21.36 -14.73
CA HIS B 251 30.05 22.39 -13.74
C HIS B 251 30.25 23.82 -14.30
N ASP B 252 31.09 23.97 -15.32
CA ASP B 252 31.43 25.29 -15.84
C ASP B 252 30.27 25.89 -16.62
N VAL B 253 29.61 25.03 -17.41
CA VAL B 253 28.51 25.48 -18.23
C VAL B 253 27.47 26.09 -17.31
N VAL B 254 27.18 25.38 -16.21
CA VAL B 254 26.19 25.85 -15.23
C VAL B 254 26.60 27.14 -14.52
N SER B 255 27.80 27.21 -13.94
CA SER B 255 28.31 28.45 -13.34
CA SER B 255 28.24 28.48 -13.32
C SER B 255 28.25 29.61 -14.35
N ASP B 256 28.70 29.33 -15.58
CA ASP B 256 28.68 30.41 -16.60
C ASP B 256 27.27 30.88 -16.90
N TRP B 257 26.32 29.91 -16.98
CA TRP B 257 24.94 30.25 -17.22
C TRP B 257 24.36 31.13 -16.17
N LEU B 258 24.62 30.81 -14.90
CA LEU B 258 24.09 31.60 -13.79
C LEU B 258 24.60 33.03 -13.86
N ASP B 259 25.90 33.19 -14.15
CA ASP B 259 26.48 34.56 -14.31
C ASP B 259 25.78 35.25 -15.44
N SER B 260 25.69 34.56 -16.55
CA SER B 260 25.04 35.13 -17.71
C SER B 260 23.60 35.63 -17.50
N VAL B 261 22.84 34.95 -16.65
CA VAL B 261 21.42 35.34 -16.50
C VAL B 261 21.21 36.13 -15.26
N GLY B 262 22.31 36.45 -14.58
CA GLY B 262 22.20 37.27 -13.36
C GLY B 262 21.53 36.56 -12.20
N VAL B 263 21.77 35.26 -12.05
CA VAL B 263 21.14 34.58 -10.92
C VAL B 263 22.19 34.32 -9.88
N GLY B 264 22.00 34.85 -8.68
CA GLY B 264 23.02 34.67 -7.66
C GLY B 264 24.03 35.79 -7.65
N THR B 265 24.06 36.58 -8.73
CA THR B 265 24.92 37.76 -8.83
C THR B 265 24.06 38.98 -9.17
N GLN B 266 24.45 40.14 -8.70
CA GLN B 266 23.67 41.35 -8.97
C GLN B 266 23.97 41.94 -10.34
N TRP B 267 25.07 41.49 -10.97
CA TRP B 267 25.62 42.11 -12.21
C TRP B 267 25.64 41.18 -13.42
N ALA C 13 -21.46 -36.13 -8.94
CA ALA C 13 -20.02 -36.12 -8.58
C ALA C 13 -19.78 -35.91 -7.09
N SER C 14 -18.53 -35.80 -6.70
CA SER C 14 -18.20 -35.37 -5.35
C SER C 14 -18.71 -33.92 -5.12
N MET C 15 -18.79 -33.51 -3.86
CA MET C 15 -18.98 -32.09 -3.54
C MET C 15 -17.85 -31.28 -4.16
N ARG C 16 -18.21 -30.12 -4.70
CA ARG C 16 -17.21 -29.18 -5.23
C ARG C 16 -17.08 -28.05 -4.21
N ILE C 17 -15.90 -27.95 -3.59
CA ILE C 17 -15.68 -27.07 -2.45
C ILE C 17 -14.71 -25.97 -2.92
N LEU C 18 -15.06 -24.73 -2.67
CA LEU C 18 -14.14 -23.62 -2.90
C LEU C 18 -13.64 -23.36 -1.52
N LEU C 19 -12.35 -23.55 -1.32
CA LEU C 19 -11.76 -23.37 -0.01
C LEU C 19 -10.94 -22.06 0.09
N SER C 20 -11.26 -21.22 1.07
CA SER C 20 -10.52 -19.96 1.26
C SER C 20 -10.18 -19.85 2.71
N ASN C 21 -9.52 -18.75 3.10
CA ASN C 21 -9.28 -18.47 4.48
C ASN C 21 -8.93 -17.00 4.65
N ASP C 22 -8.62 -16.65 5.88
CA ASP C 22 -8.13 -15.30 6.26
C ASP C 22 -6.60 -15.19 6.24
N ASP C 23 -5.91 -16.36 6.25
CA ASP C 23 -4.46 -16.34 6.49
C ASP C 23 -3.63 -16.63 5.26
N GLY C 24 -4.30 -16.92 4.14
CA GLY C 24 -3.63 -17.11 2.85
C GLY C 24 -3.24 -18.54 2.59
N VAL C 25 -2.82 -18.80 1.36
CA VAL C 25 -2.57 -20.14 0.87
C VAL C 25 -1.55 -20.90 1.66
N HIS C 26 -0.75 -20.19 2.47
CA HIS C 26 0.41 -20.80 3.08
C HIS C 26 0.15 -21.22 4.47
N ALA C 27 -0.99 -20.83 5.02
CA ALA C 27 -1.37 -21.22 6.38
C ALA C 27 -1.52 -22.73 6.57
N PRO C 28 -0.99 -23.27 7.70
CA PRO C 28 -1.25 -24.67 8.10
C PRO C 28 -2.77 -24.94 8.17
N GLY C 29 -3.55 -24.00 8.70
CA GLY C 29 -5.01 -24.17 8.81
C GLY C 29 -5.68 -24.59 7.51
N ILE C 30 -5.31 -23.93 6.42
CA ILE C 30 -5.97 -24.13 5.18
C ILE C 30 -5.42 -25.37 4.48
N GLN C 31 -4.12 -25.60 4.62
CA GLN C 31 -3.44 -26.76 3.98
C GLN C 31 -3.82 -28.06 4.65
N THR C 32 -3.95 -28.00 5.97
CA THR C 32 -4.49 -29.13 6.71
C THR C 32 -5.93 -29.47 6.35
N LEU C 33 -6.84 -28.49 6.38
CA LEU C 33 -8.20 -28.74 5.86
C LEU C 33 -8.26 -29.23 4.40
N ALA C 34 -7.48 -28.64 3.50
CA ALA C 34 -7.52 -29.02 2.08
C ALA C 34 -7.16 -30.53 1.92
N LYS C 35 -6.19 -30.99 2.70
CA LYS C 35 -5.75 -32.39 2.62
C LYS C 35 -6.96 -33.25 3.02
N ALA C 36 -7.45 -33.01 4.24
CA ALA C 36 -8.62 -33.69 4.78
C ALA C 36 -9.79 -33.73 3.81
N LEU C 37 -10.14 -32.58 3.22
CA LEU C 37 -11.29 -32.48 2.36
C LEU C 37 -11.11 -33.21 1.04
N ARG C 38 -9.90 -33.15 0.50
CA ARG C 38 -9.60 -33.80 -0.80
C ARG C 38 -9.81 -35.32 -0.80
N GLU C 39 -9.93 -35.88 0.39
CA GLU C 39 -10.18 -37.28 0.57
C GLU C 39 -11.55 -37.69 0.08
N PHE C 40 -12.52 -36.78 0.16
CA PHE C 40 -13.85 -37.06 -0.39
C PHE C 40 -14.51 -35.97 -1.22
N ALA C 41 -13.90 -34.79 -1.34
CA ALA C 41 -14.45 -33.71 -2.17
C ALA C 41 -13.46 -33.23 -3.19
N ASP C 42 -13.96 -32.62 -4.26
CA ASP C 42 -13.12 -31.87 -5.19
C ASP C 42 -12.96 -30.47 -4.56
N VAL C 43 -11.72 -30.05 -4.32
CA VAL C 43 -11.39 -28.82 -3.57
C VAL C 43 -10.51 -27.94 -4.43
N GLN C 44 -10.94 -26.69 -4.62
CA GLN C 44 -10.11 -25.67 -5.25
C GLN C 44 -9.83 -24.62 -4.17
N VAL C 45 -8.57 -24.44 -3.79
CA VAL C 45 -8.23 -23.38 -2.85
C VAL C 45 -8.17 -22.06 -3.66
N VAL C 46 -8.80 -21.00 -3.15
CA VAL C 46 -8.53 -19.70 -3.70
C VAL C 46 -8.39 -18.83 -2.46
N ALA C 47 -7.22 -18.25 -2.21
CA ALA C 47 -7.01 -17.62 -0.90
C ALA C 47 -5.94 -16.52 -1.00
N PRO C 48 -5.90 -15.62 -0.02
CA PRO C 48 -4.90 -14.53 -0.14
C PRO C 48 -3.48 -15.05 -0.37
N ASP C 49 -2.70 -14.32 -1.16
CA ASP C 49 -1.27 -14.59 -1.33
C ASP C 49 -0.43 -14.72 -0.04
N ARG C 50 -0.84 -14.06 1.04
CA ARG C 50 -0.11 -14.13 2.29
C ARG C 50 -1.04 -13.74 3.46
N ASN C 51 -0.58 -13.88 4.70
CA ASN C 51 -1.38 -13.66 5.89
C ASN C 51 -1.53 -12.20 6.29
N ARG C 52 -2.59 -11.53 5.82
CA ARG C 52 -2.90 -10.19 6.34
C ARG C 52 -3.95 -10.27 7.43
N SER C 53 -3.96 -9.26 8.30
CA SER C 53 -4.86 -9.23 9.41
CA SER C 53 -4.85 -9.23 9.42
C SER C 53 -5.83 -8.07 9.29
N GLY C 54 -7.09 -8.31 9.66
CA GLY C 54 -8.12 -7.25 9.74
C GLY C 54 -8.88 -6.95 8.45
N ALA C 55 -8.69 -7.75 7.40
CA ALA C 55 -9.43 -7.51 6.18
C ALA C 55 -10.96 -7.60 6.36
N SER C 56 -11.42 -8.33 7.38
CA SER C 56 -12.85 -8.44 7.58
C SER C 56 -13.54 -8.72 6.24
N ASN C 57 -14.68 -8.12 5.96
CA ASN C 57 -15.25 -8.34 4.63
C ASN C 57 -15.00 -7.24 3.60
N SER C 58 -13.85 -6.58 3.70
CA SER C 58 -13.41 -5.67 2.62
C SER C 58 -13.22 -6.40 1.31
N LEU C 59 -13.33 -5.66 0.21
CA LEU C 59 -13.06 -6.21 -1.10
C LEU C 59 -12.40 -5.17 -2.01
N THR C 60 -11.69 -5.61 -3.05
CA THR C 60 -10.94 -4.76 -3.90
C THR C 60 -11.83 -4.33 -5.07
N LEU C 61 -12.27 -3.08 -5.04
CA LEU C 61 -13.10 -2.51 -6.09
C LEU C 61 -12.31 -1.54 -7.01
N GLU C 62 -11.37 -0.80 -6.43
CA GLU C 62 -10.67 0.24 -7.20
C GLU C 62 -9.56 -0.27 -8.14
N SER C 63 -9.16 -1.52 -7.97
CA SER C 63 -8.13 -2.14 -8.75
CA SER C 63 -8.23 -2.06 -8.91
C SER C 63 -8.58 -3.50 -9.24
N SER C 64 -7.94 -3.99 -10.31
CA SER C 64 -8.10 -5.37 -10.72
C SER C 64 -7.15 -6.25 -9.92
N LEU C 65 -7.32 -7.58 -10.01
CA LEU C 65 -6.63 -8.50 -9.12
C LEU C 65 -5.79 -9.47 -9.94
N ARG C 66 -4.61 -9.74 -9.42
CA ARG C 66 -3.66 -10.62 -10.07
C ARG C 66 -3.76 -11.92 -9.30
N THR C 67 -3.69 -13.04 -10.00
CA THR C 67 -3.73 -14.37 -9.35
C THR C 67 -2.46 -15.13 -9.72
N PHE C 68 -1.98 -15.96 -8.81
CA PHE C 68 -0.93 -16.93 -9.14
C PHE C 68 -1.46 -18.32 -8.84
N THR C 69 -1.19 -19.29 -9.72
CA THR C 69 -1.51 -20.70 -9.45
C THR C 69 -0.26 -21.50 -9.11
N PHE C 70 -0.26 -22.14 -7.94
CA PHE C 70 0.84 -22.98 -7.46
C PHE C 70 0.81 -24.37 -8.16
N ASP C 71 1.84 -25.17 -7.91
CA ASP C 71 1.96 -26.48 -8.60
C ASP C 71 0.78 -27.40 -8.32
N ASN C 72 0.42 -27.54 -7.04
CA ASN C 72 -0.79 -28.28 -6.64
C ASN C 72 -2.11 -27.68 -7.13
N GLY C 73 -2.04 -26.49 -7.72
CA GLY C 73 -3.25 -25.90 -8.31
C GLY C 73 -3.96 -24.89 -7.41
N ASP C 74 -3.44 -24.69 -6.18
CA ASP C 74 -3.96 -23.65 -5.30
C ASP C 74 -3.79 -22.30 -6.02
N ILE C 75 -4.77 -21.42 -5.84
CA ILE C 75 -4.71 -20.12 -6.48
C ILE C 75 -4.60 -19.08 -5.36
N ALA C 76 -3.53 -18.29 -5.41
CA ALA C 76 -3.38 -17.18 -4.48
C ALA C 76 -3.81 -15.95 -5.24
N VAL C 77 -4.61 -15.11 -4.58
CA VAL C 77 -4.97 -13.82 -5.18
C VAL C 77 -4.06 -12.76 -4.53
N GLN C 78 -3.26 -12.11 -5.35
CA GLN C 78 -2.24 -11.18 -4.86
C GLN C 78 -2.89 -9.96 -4.23
N MET C 79 -2.59 -9.68 -2.96
CA MET C 79 -3.24 -8.56 -2.24
C MET C 79 -4.77 -8.80 -2.15
N GLY C 80 -5.21 -10.03 -2.35
CA GLY C 80 -6.67 -10.31 -2.36
C GLY C 80 -7.16 -10.42 -0.93
N THR C 81 -8.32 -9.85 -0.66
CA THR C 81 -8.93 -10.11 0.63
C THR C 81 -9.70 -11.45 0.56
N PRO C 82 -10.14 -11.99 1.71
CA PRO C 82 -10.87 -13.26 1.61
C PRO C 82 -12.11 -13.12 0.75
N THR C 83 -12.85 -12.01 0.90
CA THR C 83 -13.98 -11.78 -0.03
C THR C 83 -13.60 -11.78 -1.52
N ASP C 84 -12.47 -11.13 -1.84
CA ASP C 84 -12.00 -11.13 -3.20
C ASP C 84 -11.84 -12.59 -3.71
N CYS C 85 -11.18 -13.41 -2.89
CA CYS C 85 -10.84 -14.76 -3.32
C CYS C 85 -12.14 -15.54 -3.60
N VAL C 86 -13.13 -15.35 -2.74
CA VAL C 86 -14.37 -16.14 -2.84
C VAL C 86 -15.17 -15.63 -4.03
N TYR C 87 -15.27 -14.32 -4.15
CA TYR C 87 -15.93 -13.74 -5.31
C TYR C 87 -15.34 -14.26 -6.62
N LEU C 88 -14.02 -14.16 -6.77
CA LEU C 88 -13.38 -14.60 -8.00
C LEU C 88 -13.50 -16.12 -8.21
N GLY C 89 -13.29 -16.88 -7.14
CA GLY C 89 -13.38 -18.34 -7.20
C GLY C 89 -14.75 -18.80 -7.66
N VAL C 90 -15.79 -18.19 -7.07
CA VAL C 90 -17.17 -18.55 -7.38
C VAL C 90 -17.56 -18.08 -8.77
N ASN C 91 -17.03 -16.93 -9.20
CA ASN C 91 -17.59 -16.29 -10.40
C ASN C 91 -16.72 -16.41 -11.63
N ALA C 92 -15.47 -16.82 -11.43
CA ALA C 92 -14.57 -16.98 -12.55
C ALA C 92 -13.66 -18.19 -12.44
N LEU C 93 -12.99 -18.34 -11.32
CA LEU C 93 -11.80 -19.18 -11.33
C LEU C 93 -12.06 -20.65 -11.09
N MET C 94 -13.22 -20.97 -10.55
CA MET C 94 -13.53 -22.36 -10.28
C MET C 94 -14.67 -22.78 -11.16
N ARG C 95 -14.35 -23.65 -12.12
CA ARG C 95 -15.30 -24.14 -13.10
C ARG C 95 -15.25 -25.67 -13.20
N PRO C 96 -16.43 -26.34 -13.19
CA PRO C 96 -17.72 -25.69 -12.97
C PRO C 96 -17.83 -25.11 -11.53
N ARG C 97 -18.83 -24.26 -11.30
CA ARG C 97 -19.02 -23.60 -10.01
C ARG C 97 -18.93 -24.53 -8.77
N PRO C 98 -18.57 -23.95 -7.57
CA PRO C 98 -18.49 -24.77 -6.37
C PRO C 98 -19.89 -25.02 -5.85
N ASP C 99 -20.09 -26.13 -5.16
CA ASP C 99 -21.35 -26.34 -4.41
C ASP C 99 -21.41 -25.58 -3.10
N ILE C 100 -20.24 -25.29 -2.56
CA ILE C 100 -20.14 -24.82 -1.19
C ILE C 100 -18.82 -24.03 -1.03
N VAL C 101 -18.85 -23.00 -0.20
CA VAL C 101 -17.63 -22.30 0.21
C VAL C 101 -17.28 -22.71 1.64
N VAL C 102 -16.04 -23.09 1.85
CA VAL C 102 -15.57 -23.43 3.21
C VAL C 102 -14.37 -22.46 3.43
N SER C 103 -14.31 -21.88 4.62
CA SER C 103 -13.34 -20.88 4.99
C SER C 103 -12.67 -21.30 6.28
N GLY C 104 -11.36 -21.51 6.23
CA GLY C 104 -10.54 -21.94 7.39
C GLY C 104 -9.53 -22.99 6.99
N ILE C 105 -8.97 -23.74 7.97
CA ILE C 105 -9.24 -23.52 9.38
C ILE C 105 -8.47 -22.30 9.85
N ASN C 106 -9.16 -21.34 10.46
CA ASN C 106 -8.50 -20.15 10.98
C ASN C 106 -7.83 -20.46 12.31
N ALA C 107 -6.56 -20.10 12.41
CA ALA C 107 -5.88 -20.19 13.70
C ALA C 107 -6.30 -19.03 14.55
N GLY C 108 -7.17 -19.33 15.50
CA GLY C 108 -7.79 -18.32 16.33
C GLY C 108 -9.30 -18.25 16.22
N PRO C 109 -9.95 -17.97 17.34
CA PRO C 109 -11.40 -18.05 17.35
C PRO C 109 -12.01 -16.87 16.62
N ASN C 110 -13.19 -17.07 16.05
CA ASN C 110 -14.01 -15.98 15.58
C ASN C 110 -15.37 -16.09 16.24
N LEU C 111 -15.47 -15.46 17.39
CA LEU C 111 -16.59 -15.57 18.32
C LEU C 111 -17.23 -14.23 18.68
N GLY C 112 -18.51 -14.27 19.06
CA GLY C 112 -19.17 -13.09 19.58
C GLY C 112 -19.33 -12.02 18.52
N ASP C 113 -19.43 -10.75 18.93
CA ASP C 113 -19.50 -9.68 17.95
C ASP C 113 -18.15 -9.41 17.20
N ASP C 114 -17.08 -10.12 17.54
CA ASP C 114 -15.93 -10.16 16.62
C ASP C 114 -16.25 -10.59 15.18
N VAL C 115 -17.37 -11.28 14.99
CA VAL C 115 -17.49 -12.03 13.76
C VAL C 115 -17.63 -11.12 12.58
N ILE C 116 -18.22 -9.94 12.76
CA ILE C 116 -18.29 -9.01 11.62
C ILE C 116 -16.92 -8.51 11.14
N TYR C 117 -15.91 -8.65 12.01
CA TYR C 117 -14.54 -8.24 11.69
C TYR C 117 -13.66 -9.36 11.15
N SER C 118 -14.24 -10.56 11.10
CA SER C 118 -13.47 -11.70 10.74
C SER C 118 -13.43 -11.90 9.21
N GLY C 119 -12.22 -11.92 8.67
CA GLY C 119 -12.00 -12.33 7.25
C GLY C 119 -12.46 -13.77 6.96
N THR C 120 -12.16 -14.68 7.89
CA THR C 120 -12.63 -16.06 7.81
C THR C 120 -14.16 -16.10 7.58
N VAL C 121 -14.92 -15.36 8.40
CA VAL C 121 -16.36 -15.29 8.30
C VAL C 121 -16.78 -14.60 7.00
N ALA C 122 -16.09 -13.51 6.65
CA ALA C 122 -16.28 -12.84 5.37
C ALA C 122 -16.25 -13.80 4.17
N ALA C 123 -15.22 -14.63 4.12
CA ALA C 123 -15.13 -15.59 3.01
C ALA C 123 -16.37 -16.49 2.90
N ALA C 124 -16.81 -17.05 4.03
CA ALA C 124 -18.09 -17.80 4.12
C ALA C 124 -19.27 -16.94 3.68
N MET C 125 -19.39 -15.75 4.26
CA MET C 125 -20.46 -14.84 3.90
C MET C 125 -20.52 -14.61 2.40
N ALA C 126 -19.36 -14.47 1.75
CA ALA C 126 -19.37 -14.33 0.27
C ALA C 126 -19.88 -15.60 -0.50
N GLY C 127 -19.94 -16.73 0.18
CA GLY C 127 -20.44 -17.96 -0.46
C GLY C 127 -21.87 -18.28 -0.09
N ARG C 128 -22.58 -17.30 0.50
CA ARG C 128 -23.88 -17.56 1.07
C ARG C 128 -24.97 -17.89 0.04
N HIS C 129 -24.71 -17.63 -1.26
CA HIS C 129 -25.74 -17.81 -2.27
C HIS C 129 -25.65 -19.15 -2.93
N LEU C 130 -24.69 -19.98 -2.53
CA LEU C 130 -24.57 -21.32 -3.15
C LEU C 130 -25.58 -22.39 -2.58
N GLY C 131 -25.54 -23.57 -3.18
CA GLY C 131 -26.58 -24.58 -2.92
C GLY C 131 -26.46 -25.10 -1.52
N PHE C 132 -25.24 -25.04 -0.96
CA PHE C 132 -25.03 -25.39 0.44
C PHE C 132 -24.63 -24.16 1.28
N PRO C 133 -24.93 -24.20 2.60
CA PRO C 133 -24.51 -23.11 3.47
C PRO C 133 -22.99 -23.04 3.48
N ALA C 134 -22.47 -21.82 3.54
CA ALA C 134 -21.04 -21.65 3.61
C ALA C 134 -20.61 -22.00 5.05
N LEU C 135 -19.44 -22.61 5.20
CA LEU C 135 -18.89 -22.88 6.51
C LEU C 135 -17.68 -22.00 6.80
N ALA C 136 -17.69 -21.31 7.92
CA ALA C 136 -16.52 -20.65 8.41
C ALA C 136 -16.06 -21.50 9.59
N VAL C 137 -14.79 -21.86 9.57
CA VAL C 137 -14.18 -22.76 10.57
C VAL C 137 -12.96 -22.13 11.21
N SER C 138 -13.07 -21.87 12.52
CA SER C 138 -12.00 -21.27 13.35
C SER C 138 -11.62 -22.16 14.53
N LEU C 139 -10.35 -22.47 14.62
CA LEU C 139 -9.79 -23.20 15.77
C LEU C 139 -9.48 -22.24 16.90
N ASN C 140 -9.79 -22.63 18.14
CA ASN C 140 -9.54 -21.77 19.29
C ASN C 140 -8.05 -21.69 19.75
N GLY C 141 -7.14 -21.51 18.80
CA GLY C 141 -5.70 -21.69 19.06
C GLY C 141 -5.03 -22.17 17.80
N TYR C 142 -3.84 -22.76 17.95
CA TYR C 142 -2.92 -22.97 16.82
C TYR C 142 -2.46 -24.39 16.71
N GLN C 143 -2.83 -25.24 17.67
CA GLN C 143 -2.32 -26.61 17.70
C GLN C 143 -3.14 -27.63 16.91
N HIS C 144 -4.38 -27.83 17.31
CA HIS C 144 -5.15 -28.98 16.82
C HIS C 144 -5.93 -28.81 15.53
N TYR C 145 -5.27 -28.40 14.46
CA TYR C 145 -5.90 -28.34 13.14
C TYR C 145 -6.60 -29.64 12.73
N ASP C 146 -6.05 -30.75 13.17
CA ASP C 146 -6.62 -32.08 12.98
C ASP C 146 -8.02 -32.18 13.54
N THR C 147 -8.22 -31.65 14.75
CA THR C 147 -9.54 -31.68 15.37
C THR C 147 -10.56 -30.91 14.51
N ALA C 148 -10.14 -29.74 14.02
CA ALA C 148 -11.03 -28.89 13.23
C ALA C 148 -11.26 -29.50 11.88
N ALA C 149 -10.22 -30.10 11.31
CA ALA C 149 -10.38 -30.81 10.07
C ALA C 149 -11.47 -31.91 10.22
N ALA C 150 -11.41 -32.63 11.34
CA ALA C 150 -12.33 -33.74 11.60
C ALA C 150 -13.76 -33.24 11.70
N VAL C 151 -13.97 -32.23 12.53
CA VAL C 151 -15.28 -31.62 12.64
C VAL C 151 -15.79 -31.17 11.28
N THR C 152 -14.89 -30.50 10.55
CA THR C 152 -15.33 -29.91 9.32
C THR C 152 -15.80 -30.97 8.34
N CYS C 153 -15.00 -32.05 8.23
CA CYS C 153 -15.29 -33.15 7.30
C CYS C 153 -16.62 -33.79 7.70
N ALA C 154 -16.82 -34.00 9.01
CA ALA C 154 -18.06 -34.57 9.49
C ALA C 154 -19.22 -33.67 9.04
N LEU C 155 -19.08 -32.34 9.17
CA LEU C 155 -20.18 -31.42 8.75
C LEU C 155 -20.39 -31.52 7.24
N LEU C 156 -19.31 -31.53 6.48
CA LEU C 156 -19.46 -31.62 5.02
C LEU C 156 -20.09 -32.94 4.58
N ARG C 157 -19.74 -34.02 5.25
CA ARG C 157 -20.29 -35.33 4.83
C ARG C 157 -21.77 -35.34 5.17
N GLY C 158 -22.14 -34.71 6.29
CA GLY C 158 -23.54 -34.54 6.62
C GLY C 158 -24.30 -33.79 5.53
N LEU C 159 -23.68 -32.69 5.04
CA LEU C 159 -24.37 -31.87 4.07
C LEU C 159 -24.56 -32.66 2.78
N SER C 160 -23.54 -33.43 2.38
CA SER C 160 -23.66 -34.19 1.15
C SER C 160 -24.81 -35.23 1.28
N ARG C 161 -24.95 -35.82 2.46
CA ARG C 161 -26.05 -36.78 2.77
C ARG C 161 -27.39 -36.07 2.85
N GLU C 162 -27.40 -34.88 3.46
CA GLU C 162 -28.67 -34.22 3.64
C GLU C 162 -28.49 -32.73 3.69
N PRO C 163 -28.91 -32.04 2.61
CA PRO C 163 -28.83 -30.56 2.54
C PRO C 163 -29.51 -29.91 3.74
N LEU C 164 -28.87 -28.89 4.32
CA LEU C 164 -29.45 -28.12 5.44
C LEU C 164 -30.50 -27.26 4.82
N ARG C 165 -31.68 -27.24 5.43
CA ARG C 165 -32.83 -26.60 4.81
C ARG C 165 -32.73 -25.07 4.87
N THR C 166 -32.41 -24.54 6.05
CA THR C 166 -32.40 -23.11 6.31
C THR C 166 -31.08 -22.68 6.99
N GLY C 167 -30.55 -21.50 6.63
CA GLY C 167 -29.27 -21.00 7.20
C GLY C 167 -28.26 -21.07 6.09
N ARG C 168 -27.69 -19.92 5.75
CA ARG C 168 -26.86 -19.83 4.57
C ARG C 168 -25.41 -19.69 4.97
N ILE C 169 -25.17 -19.36 6.23
CA ILE C 169 -23.80 -19.32 6.73
C ILE C 169 -23.76 -20.02 8.05
N LEU C 170 -22.79 -20.92 8.23
CA LEU C 170 -22.57 -21.50 9.54
C LEU C 170 -21.24 -21.07 10.11
N ASN C 171 -21.27 -20.36 11.21
CA ASN C 171 -20.03 -20.01 11.91
C ASN C 171 -19.59 -21.06 12.90
N VAL C 172 -18.54 -21.80 12.54
CA VAL C 172 -18.10 -22.97 13.35
C VAL C 172 -16.83 -22.66 14.15
N ASN C 173 -16.88 -22.74 15.49
CA ASN C 173 -15.67 -22.61 16.34
C ASN C 173 -15.34 -23.93 17.05
N VAL C 174 -14.13 -24.41 16.81
CA VAL C 174 -13.69 -25.69 17.29
C VAL C 174 -12.69 -25.48 18.47
N PRO C 175 -12.95 -26.05 19.67
CA PRO C 175 -11.99 -25.90 20.79
C PRO C 175 -10.65 -26.44 20.42
N ASP C 176 -9.58 -25.86 20.96
CA ASP C 176 -8.24 -26.30 20.58
C ASP C 176 -7.83 -27.46 21.47
N LEU C 177 -8.42 -28.62 21.20
CA LEU C 177 -8.23 -29.79 22.04
C LEU C 177 -8.06 -31.00 21.15
N PRO C 178 -7.42 -32.06 21.68
CA PRO C 178 -7.48 -33.31 20.92
C PRO C 178 -8.95 -33.67 20.73
N LEU C 179 -9.21 -34.36 19.61
CA LEU C 179 -10.57 -34.67 19.17
C LEU C 179 -11.36 -35.35 20.26
N ALA C 180 -10.76 -36.39 20.84
CA ALA C 180 -11.34 -37.16 21.95
C ALA C 180 -11.74 -36.30 23.11
N GLN C 181 -11.15 -35.12 23.28
CA GLN C 181 -11.60 -34.29 24.39
C GLN C 181 -12.69 -33.33 23.98
N VAL C 182 -12.96 -33.22 22.67
CA VAL C 182 -14.07 -32.35 22.29
C VAL C 182 -15.39 -32.95 22.84
N LYS C 183 -16.16 -32.18 23.59
CA LYS C 183 -17.32 -32.76 24.29
C LYS C 183 -18.51 -33.09 23.38
N GLY C 184 -18.57 -32.42 22.23
CA GLY C 184 -19.68 -32.55 21.30
C GLY C 184 -19.86 -31.23 20.59
N ILE C 185 -21.09 -30.95 20.20
CA ILE C 185 -21.44 -29.81 19.36
C ILE C 185 -22.64 -29.07 19.96
N ARG C 186 -22.68 -27.74 19.82
CA ARG C 186 -23.82 -26.92 20.22
C ARG C 186 -24.22 -25.90 19.13
N VAL C 187 -25.52 -25.66 18.97
CA VAL C 187 -25.98 -24.61 18.09
C VAL C 187 -26.12 -23.40 19.00
N THR C 188 -25.49 -22.29 18.62
CA THR C 188 -25.28 -21.15 19.51
C THR C 188 -25.73 -19.86 18.86
N ARG C 189 -25.80 -18.80 19.67
CA ARG C 189 -25.83 -17.45 19.14
C ARG C 189 -24.53 -16.71 19.47
N CYS C 190 -24.31 -15.60 18.78
CA CYS C 190 -23.12 -14.80 19.02
C CYS C 190 -23.26 -14.10 20.36
N GLY C 191 -22.26 -14.26 21.22
CA GLY C 191 -22.19 -13.53 22.47
C GLY C 191 -21.75 -12.12 22.13
N SER C 192 -21.51 -11.30 23.13
CA SER C 192 -21.00 -9.97 22.80
C SER C 192 -19.91 -9.56 23.78
N ARG C 193 -19.24 -8.47 23.39
CA ARG C 193 -18.15 -7.91 24.17
C ARG C 193 -18.54 -6.52 24.59
N HIS C 194 -17.89 -6.03 25.63
CA HIS C 194 -17.98 -4.60 25.95
C HIS C 194 -17.24 -3.84 24.89
N PRO C 195 -17.52 -2.52 24.78
CA PRO C 195 -16.77 -1.69 23.82
C PRO C 195 -15.28 -1.85 24.07
N ALA C 196 -14.51 -2.00 22.99
CA ALA C 196 -13.04 -1.97 23.06
C ALA C 196 -12.64 -0.51 23.17
N ASP C 197 -11.67 -0.23 24.06
CA ASP C 197 -11.34 1.15 24.38
C ASP C 197 -9.86 1.51 24.23
N LYS C 198 -8.99 0.50 24.22
CA LYS C 198 -7.54 0.73 24.30
C LYS C 198 -6.92 1.13 22.95
N VAL C 199 -6.24 2.26 22.96
CA VAL C 199 -5.30 2.65 21.92
C VAL C 199 -3.90 2.59 22.54
N ILE C 200 -2.99 1.86 21.91
CA ILE C 200 -1.58 1.86 22.33
C ILE C 200 -0.76 2.85 21.49
N PRO C 201 -0.34 3.98 22.10
CA PRO C 201 0.44 5.02 21.42
C PRO C 201 1.90 4.58 21.32
N GLN C 202 2.57 4.91 20.22
CA GLN C 202 4.02 4.63 20.08
C GLN C 202 4.72 5.72 19.27
N GLU C 203 5.72 6.31 19.89
CA GLU C 203 6.57 7.31 19.23
C GLU C 203 7.43 6.66 18.16
N ASP C 204 7.42 7.22 16.97
CA ASP C 204 8.37 6.84 15.95
C ASP C 204 9.71 7.57 16.29
N PRO C 205 10.79 7.31 15.53
CA PRO C 205 12.08 7.91 15.88
C PRO C 205 12.22 9.42 15.68
N ARG C 206 11.27 10.03 14.99
CA ARG C 206 11.25 11.45 14.74
C ARG C 206 10.22 12.10 15.66
N GLY C 207 10.03 11.53 16.86
CA GLY C 207 9.07 12.03 17.85
C GLY C 207 7.60 12.22 17.46
N ASN C 208 7.09 11.42 16.54
CA ASN C 208 5.64 11.36 16.24
C ASN C 208 4.94 10.18 16.92
N THR C 209 3.73 10.41 17.40
CA THR C 209 2.94 9.36 18.04
C THR C 209 2.18 8.60 16.97
N LEU C 210 2.45 7.29 16.88
CA LEU C 210 1.64 6.43 16.04
C LEU C 210 0.66 5.66 16.95
N TYR C 211 -0.42 5.14 16.36
CA TYR C 211 -1.48 4.51 17.17
C TYR C 211 -1.77 3.05 16.76
N TRP C 212 -1.63 2.13 17.72
CA TRP C 212 -2.10 0.76 17.59
C TRP C 212 -3.50 0.66 18.10
N ILE C 213 -4.39 0.01 17.32
CA ILE C 213 -5.69 -0.43 17.83
C ILE C 213 -5.52 -1.44 18.96
N GLY C 214 -6.14 -1.22 20.11
CA GLY C 214 -5.97 -2.18 21.20
C GLY C 214 -6.71 -3.51 21.07
N PRO C 215 -6.67 -4.32 22.14
CA PRO C 215 -7.31 -5.62 22.23
C PRO C 215 -8.85 -5.47 22.24
N PRO C 216 -9.58 -6.57 21.98
CA PRO C 216 -11.04 -6.55 22.08
C PRO C 216 -11.52 -6.20 23.49
N GLY C 217 -12.70 -5.57 23.58
CA GLY C 217 -13.35 -5.35 24.86
C GLY C 217 -13.65 -6.64 25.59
N ASP C 218 -13.80 -6.54 26.91
CA ASP C 218 -14.14 -7.70 27.70
C ASP C 218 -15.46 -8.37 27.29
N LYS C 219 -15.50 -9.70 27.37
CA LYS C 219 -16.75 -10.46 27.27
C LYS C 219 -17.86 -9.86 28.14
N TYR C 220 -18.99 -9.64 27.52
CA TYR C 220 -20.18 -9.13 28.20
C TYR C 220 -21.24 -10.25 28.27
N ASP C 221 -21.95 -10.46 27.16
CA ASP C 221 -22.86 -11.57 27.07
C ASP C 221 -22.15 -12.86 26.64
N ALA C 222 -21.76 -13.67 27.62
CA ALA C 222 -21.22 -14.99 27.34
C ALA C 222 -21.99 -16.03 28.16
N GLY C 223 -23.31 -15.84 28.26
CA GLY C 223 -24.19 -16.79 28.94
C GLY C 223 -24.23 -18.18 28.27
N PRO C 224 -25.06 -19.09 28.82
CA PRO C 224 -25.00 -20.49 28.38
C PRO C 224 -25.39 -20.79 26.92
N ASP C 225 -26.17 -19.93 26.28
CA ASP C 225 -26.55 -20.13 24.85
C ASP C 225 -25.53 -19.59 23.81
N THR C 226 -24.42 -19.01 24.28
CA THR C 226 -23.52 -18.25 23.43
C THR C 226 -22.38 -19.10 22.90
N ASP C 227 -21.87 -18.71 21.73
CA ASP C 227 -20.73 -19.35 21.11
C ASP C 227 -19.54 -19.39 22.04
N PHE C 228 -19.39 -18.30 22.82
CA PHE C 228 -18.35 -18.16 23.87
C PHE C 228 -18.37 -19.30 24.90
N ALA C 229 -19.53 -19.50 25.52
CA ALA C 229 -19.75 -20.53 26.56
C ALA C 229 -19.39 -21.90 26.01
N ALA C 230 -19.88 -22.17 24.81
CA ALA C 230 -19.75 -23.46 24.17
C ALA C 230 -18.29 -23.83 24.03
N VAL C 231 -17.51 -22.91 23.46
CA VAL C 231 -16.11 -23.19 23.19
C VAL C 231 -15.45 -23.33 24.50
N ASP C 232 -15.80 -22.47 25.46
CA ASP C 232 -15.18 -22.55 26.79
C ASP C 232 -15.43 -23.91 27.40
N GLU C 233 -16.59 -24.47 27.13
CA GLU C 233 -16.91 -25.74 27.75
C GLU C 233 -16.39 -26.96 27.02
N GLY C 234 -15.68 -26.77 25.91
CA GLY C 234 -15.12 -27.86 25.11
C GLY C 234 -16.06 -28.40 24.02
N TYR C 235 -17.09 -27.61 23.69
CA TYR C 235 -18.03 -27.94 22.61
C TYR C 235 -17.70 -27.18 21.32
N VAL C 236 -17.68 -27.87 20.18
CA VAL C 236 -17.77 -27.16 18.89
C VAL C 236 -19.04 -26.32 18.92
N SER C 237 -18.89 -25.05 18.52
CA SER C 237 -19.98 -24.09 18.46
C SER C 237 -20.33 -23.87 17.02
N VAL C 238 -21.62 -23.99 16.69
CA VAL C 238 -22.13 -23.65 15.36
C VAL C 238 -23.18 -22.55 15.46
N THR C 239 -22.92 -21.40 14.83
CA THR C 239 -23.90 -20.31 14.83
C THR C 239 -24.24 -20.05 13.40
N PRO C 240 -25.51 -20.23 13.04
CA PRO C 240 -25.97 -19.80 11.74
C PRO C 240 -25.93 -18.27 11.72
N LEU C 241 -25.47 -17.70 10.61
CA LEU C 241 -25.41 -16.24 10.45
C LEU C 241 -26.19 -15.84 9.24
N HIS C 242 -26.56 -14.57 9.23
CA HIS C 242 -27.12 -13.98 8.05
C HIS C 242 -26.51 -12.61 7.87
N VAL C 243 -26.68 -12.03 6.70
CA VAL C 243 -26.04 -10.77 6.40
C VAL C 243 -26.93 -9.58 6.63
N ASP C 244 -28.23 -9.79 6.82
CA ASP C 244 -29.18 -8.70 6.97
C ASP C 244 -28.95 -8.05 8.34
N LEU C 245 -28.55 -6.78 8.33
CA LEU C 245 -28.25 -6.11 9.58
C LEU C 245 -29.43 -5.31 10.16
N THR C 246 -30.58 -5.32 9.49
CA THR C 246 -31.79 -4.71 9.99
C THR C 246 -32.04 -5.16 11.43
N ALA C 247 -32.25 -4.17 12.31
CA ALA C 247 -32.57 -4.41 13.71
C ALA C 247 -34.09 -4.19 13.85
N ALA C 248 -34.86 -5.22 13.50
CA ALA C 248 -36.32 -5.12 13.38
C ALA C 248 -36.94 -4.74 14.71
N SER C 249 -36.36 -5.26 15.79
CA SER C 249 -36.94 -5.04 17.11
C SER C 249 -36.75 -3.60 17.60
N ALA C 250 -36.02 -2.79 16.86
CA ALA C 250 -35.97 -1.36 17.16
C ALA C 250 -36.79 -0.53 16.20
N HIS C 251 -37.57 -1.19 15.35
CA HIS C 251 -38.32 -0.47 14.31
C HIS C 251 -39.28 0.51 14.89
N ASP C 252 -40.09 0.04 15.85
CA ASP C 252 -41.18 0.79 16.45
C ASP C 252 -40.65 1.98 17.22
N VAL C 253 -39.71 1.71 18.13
CA VAL C 253 -39.05 2.75 18.89
C VAL C 253 -38.53 3.86 18.00
N VAL C 254 -37.97 3.50 16.85
CA VAL C 254 -37.43 4.54 15.94
C VAL C 254 -38.54 5.31 15.24
N SER C 255 -39.54 4.58 14.78
CA SER C 255 -40.71 5.14 14.12
C SER C 255 -41.48 6.11 15.05
N ASP C 256 -41.72 5.65 16.29
CA ASP C 256 -42.32 6.48 17.38
C ASP C 256 -41.48 7.70 17.72
N TRP C 257 -40.16 7.52 17.84
CA TRP C 257 -39.27 8.68 18.09
C TRP C 257 -39.35 9.70 16.98
N LEU C 258 -39.40 9.23 15.74
CA LEU C 258 -39.37 10.13 14.58
C LEU C 258 -40.62 10.93 14.50
N ASP C 259 -41.75 10.27 14.81
CA ASP C 259 -43.05 10.92 14.87
C ASP C 259 -42.96 12.06 15.86
N SER C 260 -42.63 11.65 17.07
CA SER C 260 -42.51 12.50 18.23
C SER C 260 -41.67 13.76 18.00
N VAL C 261 -40.57 13.66 17.21
CA VAL C 261 -39.67 14.80 16.95
C VAL C 261 -40.04 15.55 15.69
N GLY C 262 -40.81 14.90 14.84
CA GLY C 262 -41.35 15.56 13.63
C GLY C 262 -40.37 15.75 12.49
N VAL C 263 -39.19 15.16 12.58
CA VAL C 263 -38.23 15.26 11.48
C VAL C 263 -38.87 14.66 10.21
N GLY C 264 -38.92 15.45 9.13
CA GLY C 264 -39.42 14.96 7.87
C GLY C 264 -40.92 14.70 7.78
N THR C 265 -41.69 15.13 8.79
CA THR C 265 -43.16 15.17 8.68
C THR C 265 -43.63 16.60 8.55
N GLN C 266 -44.52 16.84 7.61
CA GLN C 266 -44.90 18.19 7.26
C GLN C 266 -45.64 18.91 8.41
N TRP C 267 -46.54 18.20 9.08
CA TRP C 267 -47.38 18.79 10.08
C TRP C 267 -46.99 18.30 11.43
N SER D 14 -22.59 22.70 21.28
CA SER D 14 -23.65 21.88 21.94
C SER D 14 -23.33 20.37 21.92
N MET D 15 -23.70 19.70 20.84
CA MET D 15 -23.37 18.30 20.67
C MET D 15 -21.93 18.16 20.16
N ARG D 16 -21.19 17.25 20.76
CA ARG D 16 -19.88 16.86 20.22
C ARG D 16 -20.01 15.66 19.23
N ILE D 17 -19.77 15.96 17.95
CA ILE D 17 -19.86 15.02 16.86
C ILE D 17 -18.46 14.56 16.39
N LEU D 18 -18.27 13.25 16.24
CA LEU D 18 -17.14 12.71 15.46
C LEU D 18 -17.66 12.47 14.05
N LEU D 19 -17.14 13.22 13.09
CA LEU D 19 -17.57 13.08 11.71
C LEU D 19 -16.50 12.28 10.93
N SER D 20 -16.95 11.21 10.24
CA SER D 20 -16.07 10.39 9.42
C SER D 20 -16.71 10.05 8.12
N ASN D 21 -16.03 9.27 7.31
CA ASN D 21 -16.66 8.80 6.13
C ASN D 21 -15.84 7.65 5.56
N ASP D 22 -16.16 7.34 4.32
CA ASP D 22 -15.55 6.27 3.60
C ASP D 22 -14.66 6.81 2.50
N ASP D 23 -14.84 8.09 2.15
CA ASP D 23 -14.05 8.78 1.11
C ASP D 23 -12.94 9.67 1.59
N GLY D 24 -12.64 9.71 2.88
CA GLY D 24 -11.56 10.59 3.35
C GLY D 24 -11.87 12.09 3.40
N VAL D 25 -10.91 12.84 3.96
CA VAL D 25 -11.09 14.26 4.27
C VAL D 25 -11.50 15.14 3.07
N HIS D 26 -11.16 14.75 1.84
CA HIS D 26 -11.34 15.67 0.71
C HIS D 26 -12.62 15.47 -0.03
N ALA D 27 -13.41 14.49 0.39
CA ALA D 27 -14.68 14.23 -0.26
C ALA D 27 -15.61 15.44 -0.15
N PRO D 28 -16.33 15.77 -1.23
CA PRO D 28 -17.29 16.87 -1.07
C PRO D 28 -18.34 16.52 0.01
N GLY D 29 -18.82 15.28 -0.05
CA GLY D 29 -19.82 14.75 0.88
C GLY D 29 -19.51 15.08 2.30
N ILE D 30 -18.32 14.72 2.77
CA ILE D 30 -18.00 14.97 4.17
C ILE D 30 -17.80 16.47 4.41
N GLN D 31 -17.44 17.18 3.34
CA GLN D 31 -17.08 18.58 3.51
C GLN D 31 -18.35 19.42 3.67
N THR D 32 -19.29 19.24 2.75
CA THR D 32 -20.61 19.82 2.81
C THR D 32 -21.22 19.60 4.18
N LEU D 33 -21.22 18.35 4.63
CA LEU D 33 -21.78 18.01 5.95
C LEU D 33 -21.02 18.65 7.11
N ALA D 34 -19.70 18.69 7.04
CA ALA D 34 -18.95 19.30 8.14
C ALA D 34 -19.36 20.79 8.30
N LYS D 35 -19.57 21.48 7.17
CA LYS D 35 -20.01 22.89 7.15
C LYS D 35 -21.37 23.00 7.85
N ALA D 36 -22.39 22.39 7.25
CA ALA D 36 -23.72 22.34 7.85
C ALA D 36 -23.74 22.09 9.36
N LEU D 37 -22.94 21.14 9.83
CA LEU D 37 -23.03 20.69 11.23
C LEU D 37 -22.36 21.63 12.25
N ARG D 38 -21.38 22.38 11.80
CA ARG D 38 -20.64 23.24 12.72
C ARG D 38 -21.48 24.43 13.20
N GLU D 39 -22.59 24.67 12.51
CA GLU D 39 -23.59 25.67 12.93
C GLU D 39 -24.22 25.45 14.29
N PHE D 40 -24.21 24.23 14.80
CA PHE D 40 -24.84 23.96 16.08
C PHE D 40 -24.11 22.93 16.95
N ALA D 41 -23.04 22.34 16.39
CA ALA D 41 -22.27 21.34 17.13
C ALA D 41 -20.77 21.55 16.95
N ASP D 42 -20.00 21.02 17.90
CA ASP D 42 -18.56 20.94 17.77
C ASP D 42 -18.21 19.65 16.97
N VAL D 43 -17.84 19.85 15.70
CA VAL D 43 -17.48 18.78 14.80
C VAL D 43 -15.98 18.54 14.72
N GLN D 44 -15.54 17.35 15.13
CA GLN D 44 -14.18 16.88 14.83
C GLN D 44 -14.18 15.81 13.75
N VAL D 45 -13.60 16.15 12.61
CA VAL D 45 -13.35 15.17 11.53
C VAL D 45 -12.11 14.28 11.79
N VAL D 46 -12.33 12.97 11.93
CA VAL D 46 -11.27 11.96 11.88
C VAL D 46 -11.72 11.03 10.76
N ALA D 47 -11.01 11.09 9.64
CA ALA D 47 -11.40 10.47 8.40
C ALA D 47 -10.18 9.89 7.66
N PRO D 48 -10.43 9.10 6.60
CA PRO D 48 -9.29 8.52 5.88
C PRO D 48 -8.50 9.59 5.08
N ASP D 49 -7.25 9.27 4.73
CA ASP D 49 -6.38 10.22 4.00
C ASP D 49 -6.85 10.49 2.58
N ARG D 50 -7.41 9.47 1.96
CA ARG D 50 -7.77 9.55 0.57
C ARG D 50 -8.95 8.65 0.47
N ASN D 51 -9.59 8.68 -0.69
CA ASN D 51 -10.77 7.90 -0.91
C ASN D 51 -10.39 6.54 -1.38
N ARG D 52 -10.47 5.59 -0.47
CA ARG D 52 -10.26 4.24 -0.88
C ARG D 52 -11.62 3.60 -0.85
N SER D 53 -11.81 2.63 -1.74
CA SER D 53 -13.09 2.02 -2.00
C SER D 53 -13.11 0.57 -1.54
N GLY D 54 -14.23 0.14 -0.96
CA GLY D 54 -14.39 -1.26 -0.58
C GLY D 54 -13.78 -1.68 0.76
N ALA D 55 -13.44 -0.71 1.62
CA ALA D 55 -12.77 -1.05 2.89
C ALA D 55 -13.72 -1.76 3.85
N SER D 56 -15.01 -1.61 3.62
CA SER D 56 -16.03 -2.22 4.50
C SER D 56 -15.70 -1.97 5.97
N ASN D 57 -15.70 -3.02 6.78
CA ASN D 57 -15.38 -3.04 8.19
CA ASN D 57 -15.29 -2.78 8.17
C ASN D 57 -13.93 -3.39 8.52
N SER D 58 -13.06 -3.40 7.51
CA SER D 58 -11.67 -3.76 7.78
C SER D 58 -11.05 -2.79 8.77
N LEU D 59 -10.02 -3.25 9.46
CA LEU D 59 -9.33 -2.41 10.43
C LEU D 59 -7.86 -2.78 10.42
N THR D 60 -7.06 -1.82 10.88
CA THR D 60 -5.62 -1.98 10.80
C THR D 60 -5.11 -2.52 12.11
N LEU D 61 -4.61 -3.76 12.09
CA LEU D 61 -4.21 -4.43 13.32
C LEU D 61 -2.71 -4.67 13.36
N GLU D 62 -2.10 -4.97 12.21
CA GLU D 62 -0.70 -5.37 12.22
C GLU D 62 0.28 -4.21 12.08
N SER D 63 -0.25 -2.99 11.96
CA SER D 63 0.56 -1.79 11.88
CA SER D 63 0.58 -1.81 11.92
C SER D 63 0.00 -0.70 12.77
N SER D 64 0.86 0.22 13.18
CA SER D 64 0.41 1.41 13.89
CA SER D 64 0.45 1.44 13.87
C SER D 64 -0.15 2.33 12.84
N LEU D 65 -0.95 3.30 13.28
CA LEU D 65 -1.49 4.26 12.37
C LEU D 65 -0.92 5.66 12.61
N ARG D 66 -0.64 6.34 11.52
CA ARG D 66 -0.08 7.68 11.53
C ARG D 66 -1.26 8.62 11.26
N THR D 67 -1.30 9.74 11.98
CA THR D 67 -2.27 10.82 11.74
C THR D 67 -1.60 12.10 11.22
N PHE D 68 -2.19 12.65 10.15
CA PHE D 68 -1.83 13.89 9.45
C PHE D 68 -2.97 14.86 9.79
N THR D 69 -2.72 16.17 9.71
CA THR D 69 -3.77 17.17 10.04
C THR D 69 -3.75 18.38 9.11
N PHE D 70 -4.94 18.85 8.74
CA PHE D 70 -5.03 19.91 7.75
C PHE D 70 -5.10 21.31 8.37
N ASP D 71 -5.06 22.31 7.48
CA ASP D 71 -5.17 23.72 7.87
C ASP D 71 -6.45 23.91 8.69
N ASN D 72 -7.60 23.53 8.11
CA ASN D 72 -8.90 23.70 8.77
C ASN D 72 -9.14 22.89 10.06
N GLY D 73 -8.30 21.88 10.32
CA GLY D 73 -8.45 21.08 11.54
C GLY D 73 -8.94 19.65 11.28
N ASP D 74 -9.34 19.36 10.05
CA ASP D 74 -9.65 17.98 9.66
C ASP D 74 -8.46 17.05 10.00
N ILE D 75 -8.70 15.88 10.61
N ILE D 75 -8.73 15.94 10.69
CA ILE D 75 -7.62 14.92 10.95
CA ILE D 75 -7.75 14.88 10.83
C ILE D 75 -7.60 13.61 10.16
C ILE D 75 -7.94 13.83 9.75
N ALA D 76 -6.84 13.55 9.04
CA ALA D 76 -6.76 12.34 8.20
C ALA D 76 -5.93 11.20 8.86
N VAL D 77 -6.48 9.98 8.85
CA VAL D 77 -5.70 8.79 9.26
C VAL D 77 -5.06 8.22 8.00
N GLN D 78 -3.72 8.20 8.01
CA GLN D 78 -2.96 7.72 6.85
C GLN D 78 -3.21 6.22 6.64
N MET D 79 -3.69 5.89 5.45
CA MET D 79 -4.25 4.56 5.14
C MET D 79 -5.18 3.97 6.22
N GLY D 80 -5.89 4.82 6.94
CA GLY D 80 -6.89 4.34 7.89
C GLY D 80 -8.13 3.89 7.14
N THR D 81 -8.76 2.85 7.64
CA THR D 81 -10.06 2.46 7.11
C THR D 81 -11.10 3.30 7.86
N PRO D 82 -12.35 3.34 7.37
CA PRO D 82 -13.37 4.05 8.16
C PRO D 82 -13.43 3.64 9.64
N THR D 83 -13.33 2.33 9.90
CA THR D 83 -13.36 1.85 11.27
C THR D 83 -12.16 2.34 12.07
N ASP D 84 -10.98 2.34 11.46
CA ASP D 84 -9.77 2.84 12.13
C ASP D 84 -10.02 4.28 12.60
N CYS D 85 -10.64 5.04 11.75
CA CYS D 85 -10.79 6.49 12.01
C CYS D 85 -11.65 6.69 13.25
N VAL D 86 -12.87 6.17 13.18
CA VAL D 86 -13.78 6.19 14.31
C VAL D 86 -13.18 5.59 15.54
N TYR D 87 -12.53 4.45 15.44
CA TYR D 87 -11.92 3.88 16.63
C TYR D 87 -10.90 4.81 17.29
N LEU D 88 -10.10 5.45 16.45
CA LEU D 88 -9.07 6.38 16.96
C LEU D 88 -9.76 7.64 17.48
N GLY D 89 -10.69 8.18 16.68
CA GLY D 89 -11.51 9.32 17.09
C GLY D 89 -12.10 9.22 18.50
N VAL D 90 -12.73 8.09 18.80
CA VAL D 90 -13.42 7.92 20.06
C VAL D 90 -12.43 7.65 21.18
N ASN D 91 -11.46 6.79 20.91
CA ASN D 91 -10.55 6.31 21.94
C ASN D 91 -9.21 7.03 22.02
N ALA D 92 -9.06 8.14 21.30
CA ALA D 92 -7.79 8.87 21.38
C ALA D 92 -7.87 10.31 20.91
N LEU D 93 -8.29 10.47 19.66
CA LEU D 93 -8.13 11.73 18.99
C LEU D 93 -9.12 12.83 19.38
N MET D 94 -10.30 12.45 19.84
CA MET D 94 -11.29 13.44 20.20
C MET D 94 -11.45 13.46 21.70
N ARG D 95 -10.88 14.50 22.33
CA ARG D 95 -11.07 14.79 23.74
C ARG D 95 -11.68 16.19 23.88
N PRO D 96 -12.78 16.32 24.65
CA PRO D 96 -13.48 15.20 25.31
C PRO D 96 -14.27 14.30 24.32
N ARG D 97 -14.47 13.03 24.71
CA ARG D 97 -15.24 12.01 23.95
C ARG D 97 -16.42 12.64 23.21
N PRO D 98 -16.72 12.16 21.98
CA PRO D 98 -17.88 12.74 21.28
C PRO D 98 -19.21 12.17 21.81
N ASP D 99 -20.30 12.88 21.55
CA ASP D 99 -21.63 12.44 21.93
C ASP D 99 -22.18 11.43 20.93
N ILE D 100 -21.87 11.67 19.68
CA ILE D 100 -22.39 10.89 18.57
C ILE D 100 -21.26 10.65 17.53
N VAL D 101 -21.34 9.54 16.79
CA VAL D 101 -20.59 9.40 15.53
C VAL D 101 -21.51 9.59 14.33
N VAL D 102 -21.09 10.41 13.38
CA VAL D 102 -21.79 10.55 12.11
C VAL D 102 -20.80 10.16 11.02
N SER D 103 -21.26 9.32 10.10
CA SER D 103 -20.43 8.91 8.98
C SER D 103 -21.12 9.29 7.72
N GLY D 104 -20.42 10.09 6.88
CA GLY D 104 -20.98 10.50 5.57
C GLY D 104 -20.59 11.94 5.25
N ILE D 105 -21.18 12.58 4.24
CA ILE D 105 -22.23 12.05 3.40
C ILE D 105 -21.52 11.27 2.36
N ASN D 106 -21.99 10.06 2.07
CA ASN D 106 -21.31 9.21 1.12
C ASN D 106 -21.83 9.43 -0.27
N ALA D 107 -20.92 9.53 -1.22
CA ALA D 107 -21.29 9.57 -2.62
C ALA D 107 -21.76 8.21 -3.08
N GLY D 108 -23.07 8.02 -3.10
CA GLY D 108 -23.67 6.78 -3.59
C GLY D 108 -24.37 6.08 -2.43
N PRO D 109 -25.45 5.36 -2.72
CA PRO D 109 -26.39 4.70 -1.78
C PRO D 109 -25.73 3.58 -1.02
N ASN D 110 -26.15 3.36 0.22
CA ASN D 110 -25.82 2.15 0.95
C ASN D 110 -27.05 1.44 1.42
N LEU D 111 -27.56 0.57 0.55
CA LEU D 111 -28.85 -0.03 0.69
C LEU D 111 -28.79 -1.57 0.55
N GLY D 112 -29.76 -2.25 1.18
CA GLY D 112 -29.96 -3.67 1.01
C GLY D 112 -28.90 -4.50 1.70
N ASP D 113 -28.49 -5.60 1.06
CA ASP D 113 -27.46 -6.43 1.68
C ASP D 113 -26.04 -5.90 1.45
N ASP D 114 -25.92 -4.83 0.67
CA ASP D 114 -24.68 -3.98 0.65
C ASP D 114 -24.27 -3.38 1.99
N VAL D 115 -25.20 -3.15 2.89
CA VAL D 115 -24.77 -2.42 4.08
C VAL D 115 -23.65 -3.12 4.84
N ILE D 116 -23.62 -4.45 4.81
CA ILE D 116 -22.59 -5.15 5.52
C ILE D 116 -21.22 -4.90 4.89
N TYR D 117 -21.21 -4.42 3.65
CA TYR D 117 -19.95 -4.12 2.95
C TYR D 117 -19.61 -2.63 2.91
N SER D 118 -20.40 -1.79 3.56
CA SER D 118 -20.25 -0.34 3.38
C SER D 118 -19.24 0.19 4.40
N GLY D 119 -18.24 0.97 3.97
CA GLY D 119 -17.34 1.58 4.94
C GLY D 119 -18.03 2.73 5.65
N THR D 120 -18.95 3.41 4.95
CA THR D 120 -19.78 4.46 5.65
C THR D 120 -20.51 3.86 6.86
N VAL D 121 -21.26 2.78 6.62
CA VAL D 121 -21.94 2.08 7.71
C VAL D 121 -20.95 1.60 8.75
N ALA D 122 -19.81 1.09 8.31
CA ALA D 122 -18.85 0.56 9.26
C ALA D 122 -18.43 1.62 10.26
N ALA D 123 -18.23 2.85 9.78
CA ALA D 123 -17.68 3.88 10.68
C ALA D 123 -18.76 4.20 11.72
N ALA D 124 -20.02 4.26 11.27
CA ALA D 124 -21.16 4.36 12.21
C ALA D 124 -21.18 3.19 13.19
N MET D 125 -21.00 1.97 12.69
CA MET D 125 -21.00 0.81 13.59
C MET D 125 -19.96 0.90 14.70
N ALA D 126 -18.82 1.55 14.41
CA ALA D 126 -17.75 1.63 15.38
C ALA D 126 -18.11 2.64 16.45
N GLY D 127 -19.06 3.49 16.12
CA GLY D 127 -19.50 4.52 17.04
C GLY D 127 -20.78 4.11 17.75
N ARG D 128 -21.07 2.80 17.77
CA ARG D 128 -22.42 2.37 18.24
C ARG D 128 -22.58 2.43 19.76
N HIS D 129 -21.46 2.49 20.48
CA HIS D 129 -21.44 2.43 21.93
CA HIS D 129 -21.46 2.42 21.94
C HIS D 129 -21.60 3.78 22.56
N LEU D 130 -21.83 4.80 21.74
CA LEU D 130 -21.88 6.16 22.28
C LEU D 130 -23.27 6.64 22.73
N GLY D 131 -23.28 7.74 23.50
CA GLY D 131 -24.50 8.38 24.00
C GLY D 131 -25.66 8.49 23.04
N PHE D 132 -25.39 8.97 21.83
CA PHE D 132 -26.42 9.00 20.77
C PHE D 132 -26.21 7.85 19.77
N PRO D 133 -27.29 7.43 19.06
CA PRO D 133 -27.08 6.40 18.03
C PRO D 133 -26.23 6.97 16.89
N ALA D 134 -25.27 6.18 16.39
CA ALA D 134 -24.46 6.66 15.29
C ALA D 134 -25.34 6.81 14.06
N LEU D 135 -24.95 7.71 13.17
CA LEU D 135 -25.62 7.86 11.89
C LEU D 135 -24.70 7.54 10.72
N ALA D 136 -25.20 6.76 9.77
CA ALA D 136 -24.53 6.58 8.50
C ALA D 136 -25.41 7.34 7.60
N VAL D 137 -24.81 8.18 6.79
CA VAL D 137 -25.59 8.97 5.87
C VAL D 137 -25.00 8.87 4.49
N SER D 138 -25.82 8.40 3.56
CA SER D 138 -25.41 8.22 2.17
C SER D 138 -26.35 8.92 1.23
N LEU D 139 -25.81 9.54 0.16
CA LEU D 139 -26.63 10.10 -0.92
C LEU D 139 -26.83 9.15 -2.08
N ASN D 140 -28.01 9.11 -2.66
CA ASN D 140 -28.28 8.20 -3.77
C ASN D 140 -27.76 8.75 -5.10
N GLY D 141 -26.57 9.31 -5.05
CA GLY D 141 -25.91 9.90 -6.20
C GLY D 141 -24.92 10.94 -5.74
N TYR D 142 -24.71 11.95 -6.60
CA TYR D 142 -23.57 12.84 -6.47
C TYR D 142 -23.97 14.31 -6.32
N GLN D 143 -25.08 14.70 -6.96
CA GLN D 143 -25.51 16.11 -7.01
C GLN D 143 -25.74 16.76 -5.64
N HIS D 144 -26.81 16.37 -4.92
CA HIS D 144 -27.32 17.20 -3.82
C HIS D 144 -26.82 16.91 -2.45
N TYR D 145 -25.58 17.28 -2.16
CA TYR D 145 -25.04 17.05 -0.82
C TYR D 145 -25.79 17.81 0.26
N ASP D 146 -26.26 19.02 -0.03
CA ASP D 146 -27.00 19.77 1.01
C ASP D 146 -28.36 19.17 1.38
N THR D 147 -29.08 18.60 0.42
CA THR D 147 -30.27 17.83 0.81
C THR D 147 -29.92 16.86 1.97
N ALA D 148 -28.86 16.06 1.80
CA ALA D 148 -28.48 15.09 2.83
C ALA D 148 -27.89 15.80 4.02
N ALA D 149 -27.32 16.98 3.81
CA ALA D 149 -26.81 17.70 4.98
C ALA D 149 -27.99 18.28 5.81
N ALA D 150 -29.02 18.73 5.09
CA ALA D 150 -30.25 19.26 5.70
C ALA D 150 -30.92 18.16 6.53
N VAL D 151 -31.24 17.06 5.86
CA VAL D 151 -31.78 15.88 6.50
C VAL D 151 -30.99 15.52 7.73
N THR D 152 -29.66 15.62 7.67
CA THR D 152 -28.86 15.10 8.76
C THR D 152 -28.96 16.02 9.96
N CYS D 153 -28.83 17.31 9.67
CA CYS D 153 -29.04 18.36 10.67
C CYS D 153 -30.35 18.18 11.44
N ALA D 154 -31.45 18.03 10.70
CA ALA D 154 -32.76 17.75 11.28
C ALA D 154 -32.70 16.60 12.28
N LEU D 155 -32.15 15.45 11.87
CA LEU D 155 -32.12 14.32 12.77
C LEU D 155 -31.37 14.59 14.05
N LEU D 156 -30.24 15.26 13.92
CA LEU D 156 -29.41 15.54 15.08
C LEU D 156 -30.09 16.57 16.03
N ARG D 157 -30.69 17.60 15.45
CA ARG D 157 -31.48 18.55 16.27
C ARG D 157 -32.54 17.73 16.95
N GLY D 158 -33.26 16.95 16.15
CA GLY D 158 -34.21 15.98 16.66
C GLY D 158 -33.67 15.26 17.86
N LEU D 159 -32.45 14.75 17.76
CA LEU D 159 -31.91 13.87 18.81
C LEU D 159 -31.62 14.63 20.10
N SER D 160 -31.17 15.88 19.95
CA SER D 160 -30.90 16.72 21.12
C SER D 160 -32.20 17.08 21.83
N ARG D 161 -33.22 17.52 21.07
CA ARG D 161 -34.54 17.81 21.64
C ARG D 161 -35.19 16.59 22.31
N GLU D 162 -34.95 15.40 21.78
CA GLU D 162 -35.51 14.20 22.38
C GLU D 162 -34.67 12.93 22.11
N PRO D 163 -33.90 12.49 23.12
CA PRO D 163 -33.02 11.35 22.89
C PRO D 163 -33.75 10.06 22.48
N LEU D 164 -33.21 9.35 21.49
CA LEU D 164 -33.75 8.07 21.03
C LEU D 164 -33.10 6.91 21.82
N ARG D 165 -33.92 6.17 22.57
CA ARG D 165 -33.41 5.24 23.60
C ARG D 165 -33.32 3.79 23.08
N THR D 166 -32.69 3.63 21.92
CA THR D 166 -32.93 2.44 21.08
C THR D 166 -31.78 1.98 20.18
N GLY D 167 -32.19 1.36 19.07
CA GLY D 167 -31.37 1.00 17.91
C GLY D 167 -30.16 1.88 17.76
N ARG D 168 -29.00 1.25 17.85
CA ARG D 168 -27.81 1.99 18.18
C ARG D 168 -27.10 2.58 16.96
N ILE D 169 -27.60 2.25 15.77
CA ILE D 169 -27.05 2.78 14.50
C ILE D 169 -28.22 3.06 13.59
N LEU D 170 -28.25 4.24 13.02
CA LEU D 170 -29.20 4.52 11.97
C LEU D 170 -28.59 4.61 10.60
N ASN D 171 -29.06 3.77 9.69
CA ASN D 171 -28.61 3.83 8.34
C ASN D 171 -29.53 4.69 7.56
N VAL D 172 -29.04 5.86 7.17
CA VAL D 172 -29.82 6.82 6.45
C VAL D 172 -29.44 6.94 5.00
N ASN D 173 -30.40 6.68 4.13
CA ASN D 173 -30.22 6.98 2.73
C ASN D 173 -31.10 8.12 2.28
N VAL D 174 -30.49 9.07 1.58
CA VAL D 174 -31.13 10.29 1.13
C VAL D 174 -31.17 10.35 -0.39
N PRO D 175 -32.39 10.48 -0.98
CA PRO D 175 -32.55 10.59 -2.43
C PRO D 175 -31.70 11.72 -3.04
N ASP D 176 -31.24 11.54 -4.27
CA ASP D 176 -30.42 12.57 -4.88
C ASP D 176 -31.34 13.60 -5.53
N LEU D 177 -31.95 14.41 -4.67
CA LEU D 177 -32.98 15.33 -5.10
C LEU D 177 -32.78 16.68 -4.42
N PRO D 178 -33.33 17.75 -5.03
CA PRO D 178 -33.53 18.99 -4.30
C PRO D 178 -34.38 18.71 -3.06
N LEU D 179 -34.02 19.28 -1.91
CA LEU D 179 -34.73 18.99 -0.67
C LEU D 179 -36.25 19.12 -0.82
N ALA D 180 -36.66 19.74 -1.93
CA ALA D 180 -38.05 20.03 -2.24
C ALA D 180 -38.80 18.81 -2.75
N GLN D 181 -38.10 17.86 -3.39
CA GLN D 181 -38.76 16.62 -3.79
C GLN D 181 -38.74 15.55 -2.73
N VAL D 182 -37.98 15.76 -1.66
CA VAL D 182 -37.87 14.71 -0.64
C VAL D 182 -39.18 14.57 0.15
N LYS D 183 -39.98 13.63 -0.35
CA LYS D 183 -41.36 13.44 0.04
C LYS D 183 -41.55 13.26 1.53
N GLY D 184 -40.50 12.79 2.20
CA GLY D 184 -40.59 12.54 3.62
C GLY D 184 -39.53 11.56 4.06
N ILE D 185 -39.85 10.75 5.04
CA ILE D 185 -38.91 9.89 5.71
C ILE D 185 -39.66 8.63 6.09
N ARG D 186 -39.01 7.46 5.94
CA ARG D 186 -39.56 6.14 6.31
C ARG D 186 -38.60 5.34 7.16
N VAL D 187 -39.13 4.68 8.17
CA VAL D 187 -38.34 3.69 8.89
C VAL D 187 -38.48 2.42 8.04
N THR D 188 -37.34 1.82 7.67
CA THR D 188 -37.36 0.74 6.66
C THR D 188 -36.57 -0.48 7.14
N ARG D 189 -36.69 -1.58 6.40
CA ARG D 189 -35.82 -2.73 6.62
C ARG D 189 -34.88 -2.77 5.42
N CYS D 190 -33.69 -3.37 5.58
CA CYS D 190 -32.84 -3.56 4.39
C CYS D 190 -33.48 -4.52 3.41
N GLY D 191 -33.42 -4.17 2.13
CA GLY D 191 -33.79 -5.08 1.07
C GLY D 191 -32.64 -6.00 0.71
N SER D 192 -32.70 -6.61 -0.46
CA SER D 192 -31.60 -7.51 -0.82
C SER D 192 -31.48 -7.59 -2.32
N ARG D 193 -30.29 -7.95 -2.78
CA ARG D 193 -30.04 -8.09 -4.19
C ARG D 193 -29.79 -9.54 -4.52
N HIS D 194 -29.94 -9.87 -5.79
CA HIS D 194 -29.37 -11.09 -6.34
C HIS D 194 -27.87 -11.09 -6.16
N PRO D 195 -27.26 -12.27 -6.05
CA PRO D 195 -25.81 -12.35 -5.98
C PRO D 195 -25.15 -11.63 -7.15
N ALA D 196 -24.17 -10.80 -6.84
CA ALA D 196 -23.28 -10.23 -7.86
C ALA D 196 -22.41 -11.31 -8.48
N ASP D 197 -22.47 -11.46 -9.79
CA ASP D 197 -21.69 -12.53 -10.40
C ASP D 197 -20.74 -12.21 -11.56
N LYS D 198 -20.63 -10.94 -12.00
CA LYS D 198 -19.72 -10.59 -13.11
C LYS D 198 -18.27 -10.46 -12.68
N VAL D 199 -17.38 -11.00 -13.48
CA VAL D 199 -15.96 -10.75 -13.31
C VAL D 199 -15.52 -10.18 -14.65
N ILE D 200 -14.75 -9.10 -14.59
CA ILE D 200 -14.33 -8.45 -15.82
C ILE D 200 -12.82 -8.66 -15.95
N PRO D 201 -12.41 -9.53 -16.89
CA PRO D 201 -11.01 -9.78 -17.13
C PRO D 201 -10.44 -8.59 -17.92
N GLN D 202 -9.14 -8.34 -17.76
CA GLN D 202 -8.46 -7.23 -18.46
C GLN D 202 -6.98 -7.58 -18.50
N GLU D 203 -6.42 -7.70 -19.70
CA GLU D 203 -5.03 -8.14 -19.79
C GLU D 203 -4.13 -7.00 -19.46
N ASP D 204 -3.10 -7.26 -18.67
CA ASP D 204 -2.07 -6.23 -18.43
C ASP D 204 -1.17 -6.11 -19.68
N PRO D 205 -0.21 -5.18 -19.68
CA PRO D 205 0.58 -5.06 -20.89
C PRO D 205 1.43 -6.27 -21.26
N ARG D 206 1.79 -7.12 -20.31
CA ARG D 206 2.58 -8.34 -20.58
C ARG D 206 1.68 -9.55 -20.93
N GLY D 207 0.40 -9.31 -21.18
CA GLY D 207 -0.55 -10.37 -21.53
C GLY D 207 -1.14 -11.19 -20.39
N ASN D 208 -0.88 -10.79 -19.13
CA ASN D 208 -1.47 -11.44 -17.97
C ASN D 208 -2.89 -11.01 -17.74
N THR D 209 -3.76 -11.96 -17.43
CA THR D 209 -5.17 -11.64 -17.18
C THR D 209 -5.36 -11.17 -15.76
N LEU D 210 -5.92 -9.98 -15.61
CA LEU D 210 -6.27 -9.42 -14.29
C LEU D 210 -7.80 -9.40 -14.21
N TYR D 211 -8.33 -9.41 -12.99
CA TYR D 211 -9.77 -9.55 -12.78
C TYR D 211 -10.38 -8.43 -11.95
N TRP D 212 -11.38 -7.78 -12.52
CA TRP D 212 -12.17 -6.80 -11.80
C TRP D 212 -13.36 -7.47 -11.17
N ILE D 213 -13.65 -7.10 -9.94
CA ILE D 213 -14.92 -7.43 -9.33
C ILE D 213 -16.07 -6.64 -9.97
N GLY D 214 -17.15 -7.34 -10.34
CA GLY D 214 -18.25 -6.72 -11.09
C GLY D 214 -19.18 -5.89 -10.21
N PRO D 215 -20.24 -5.29 -10.81
CA PRO D 215 -21.19 -4.44 -10.05
C PRO D 215 -22.10 -5.30 -9.22
N PRO D 216 -22.83 -4.69 -8.24
CA PRO D 216 -23.76 -5.47 -7.39
C PRO D 216 -24.90 -6.10 -8.20
N GLY D 217 -25.53 -7.15 -7.66
CA GLY D 217 -26.59 -7.83 -8.38
C GLY D 217 -27.80 -6.94 -8.59
N ASP D 218 -28.74 -7.41 -9.39
CA ASP D 218 -30.01 -6.69 -9.52
C ASP D 218 -30.80 -6.73 -8.21
N LYS D 219 -31.61 -5.71 -7.96
CA LYS D 219 -32.48 -5.72 -6.78
C LYS D 219 -33.32 -6.99 -6.79
N TYR D 220 -33.48 -7.62 -5.63
CA TYR D 220 -34.30 -8.81 -5.54
C TYR D 220 -35.44 -8.49 -4.58
N ASP D 221 -35.10 -8.28 -3.32
CA ASP D 221 -36.10 -7.87 -2.35
C ASP D 221 -36.09 -6.33 -2.25
N ALA D 222 -36.96 -5.71 -3.04
CA ALA D 222 -37.14 -4.26 -3.05
C ALA D 222 -38.62 -3.86 -2.78
N GLY D 223 -39.25 -4.51 -1.80
CA GLY D 223 -40.66 -4.29 -1.50
C GLY D 223 -40.97 -2.94 -0.87
N PRO D 224 -42.27 -2.66 -0.62
CA PRO D 224 -42.77 -1.40 -0.05
C PRO D 224 -42.05 -0.95 1.23
N ASP D 225 -41.83 -1.87 2.18
CA ASP D 225 -41.19 -1.50 3.43
C ASP D 225 -39.64 -1.47 3.39
N THR D 226 -39.01 -1.57 2.22
CA THR D 226 -37.54 -1.67 2.15
C THR D 226 -36.87 -0.32 1.90
N ASP D 227 -35.60 -0.20 2.31
CA ASP D 227 -34.77 0.97 1.98
C ASP D 227 -34.75 1.29 0.48
N PHE D 228 -34.59 0.26 -0.38
CA PHE D 228 -34.57 0.51 -1.83
C PHE D 228 -35.79 1.31 -2.30
N ALA D 229 -36.97 0.89 -1.86
CA ALA D 229 -38.27 1.45 -2.27
C ALA D 229 -38.44 2.90 -1.78
N ALA D 230 -38.24 3.12 -0.49
CA ALA D 230 -38.21 4.46 0.08
C ALA D 230 -37.41 5.43 -0.78
N VAL D 231 -36.14 5.12 -1.00
CA VAL D 231 -35.25 5.98 -1.80
C VAL D 231 -35.72 6.14 -3.26
N ASP D 232 -36.20 5.06 -3.88
CA ASP D 232 -36.77 5.13 -5.22
C ASP D 232 -37.97 6.06 -5.34
N GLU D 233 -38.76 6.14 -4.26
CA GLU D 233 -39.97 6.95 -4.26
C GLU D 233 -39.74 8.34 -3.73
N GLY D 234 -38.49 8.65 -3.43
CA GLY D 234 -38.11 10.01 -3.09
C GLY D 234 -38.15 10.30 -1.62
N TYR D 235 -38.29 9.25 -0.81
CA TYR D 235 -38.17 9.35 0.66
C TYR D 235 -36.77 9.09 1.21
N VAL D 236 -36.41 9.82 2.26
CA VAL D 236 -35.32 9.42 3.12
C VAL D 236 -35.67 8.08 3.78
N SER D 237 -34.74 7.13 3.68
CA SER D 237 -34.83 5.84 4.37
C SER D 237 -34.00 5.80 5.66
N VAL D 238 -34.58 5.32 6.74
CA VAL D 238 -33.83 5.14 7.97
C VAL D 238 -34.01 3.69 8.43
N THR D 239 -32.91 2.95 8.48
CA THR D 239 -32.98 1.60 8.97
C THR D 239 -32.12 1.52 10.19
N PRO D 240 -32.70 1.05 11.30
CA PRO D 240 -31.83 0.74 12.42
C PRO D 240 -31.11 -0.55 12.09
N LEU D 241 -29.82 -0.64 12.46
CA LEU D 241 -29.00 -1.78 12.19
C LEU D 241 -28.48 -2.18 13.52
N HIS D 242 -28.08 -3.45 13.61
CA HIS D 242 -27.31 -3.93 14.75
C HIS D 242 -26.16 -4.70 14.18
N VAL D 243 -25.29 -5.13 15.07
CA VAL D 243 -24.06 -5.72 14.64
C VAL D 243 -24.11 -7.26 14.73
N ASP D 244 -25.13 -7.78 15.42
CA ASP D 244 -25.26 -9.21 15.67
C ASP D 244 -25.69 -9.98 14.40
N LEU D 245 -24.81 -10.86 13.94
CA LEU D 245 -25.06 -11.57 12.68
C LEU D 245 -25.88 -12.88 12.89
N THR D 246 -26.15 -13.25 14.15
CA THR D 246 -26.88 -14.47 14.43
C THR D 246 -28.20 -14.52 13.64
N ALA D 247 -28.37 -15.57 12.83
CA ALA D 247 -29.66 -15.80 12.18
C ALA D 247 -30.50 -16.69 13.10
N ALA D 248 -31.17 -16.11 14.10
CA ALA D 248 -31.85 -16.92 15.14
C ALA D 248 -32.98 -17.78 14.60
N SER D 249 -33.67 -17.32 13.57
CA SER D 249 -34.77 -18.15 13.06
C SER D 249 -34.27 -19.51 12.52
N ALA D 250 -32.96 -19.65 12.28
CA ALA D 250 -32.42 -20.86 11.71
C ALA D 250 -31.97 -21.83 12.79
N HIS D 251 -32.04 -21.41 14.05
CA HIS D 251 -31.48 -22.20 15.16
C HIS D 251 -31.97 -23.64 15.22
N ASP D 252 -33.30 -23.79 15.27
CA ASP D 252 -33.94 -25.08 15.40
C ASP D 252 -33.59 -25.94 14.20
N VAL D 253 -33.63 -25.35 13.01
CA VAL D 253 -33.37 -26.10 11.78
C VAL D 253 -31.97 -26.69 11.83
N VAL D 254 -31.03 -25.90 12.29
CA VAL D 254 -29.67 -26.36 12.29
C VAL D 254 -29.52 -27.46 13.31
N SER D 255 -30.12 -27.31 14.48
CA SER D 255 -30.09 -28.33 15.54
CA SER D 255 -30.07 -28.35 15.51
C SER D 255 -30.70 -29.66 15.06
N ASP D 256 -31.85 -29.57 14.43
CA ASP D 256 -32.49 -30.76 13.88
C ASP D 256 -31.61 -31.41 12.83
N TRP D 257 -30.98 -30.54 12.03
CA TRP D 257 -30.13 -31.03 10.99
C TRP D 257 -28.99 -31.79 11.60
N LEU D 258 -28.35 -31.22 12.64
CA LEU D 258 -27.19 -31.90 13.26
C LEU D 258 -27.57 -33.28 13.81
N ASP D 259 -28.70 -33.32 14.47
CA ASP D 259 -29.19 -34.58 15.01
C ASP D 259 -29.42 -35.61 13.87
N SER D 260 -30.08 -35.17 12.81
CA SER D 260 -30.41 -35.99 11.66
C SER D 260 -29.16 -36.63 11.06
N VAL D 261 -28.10 -35.84 10.88
CA VAL D 261 -26.85 -36.35 10.24
C VAL D 261 -25.91 -36.96 11.29
N GLY D 262 -26.29 -36.84 12.55
CA GLY D 262 -25.55 -37.47 13.67
C GLY D 262 -24.19 -36.83 13.91
N VAL D 263 -24.00 -35.61 13.46
CA VAL D 263 -22.71 -34.92 13.70
C VAL D 263 -22.75 -34.32 15.07
N GLY D 264 -21.74 -34.63 15.89
CA GLY D 264 -21.70 -34.17 17.27
C GLY D 264 -22.24 -35.12 18.30
N THR D 265 -22.77 -36.28 17.85
CA THR D 265 -23.36 -37.27 18.75
C THR D 265 -22.84 -38.67 18.40
N GLN D 266 -22.64 -39.52 19.41
CA GLN D 266 -22.13 -40.89 19.23
C GLN D 266 -23.18 -41.86 18.67
N TRP D 267 -24.42 -41.58 19.01
CA TRP D 267 -25.51 -42.50 18.76
C TRP D 267 -26.41 -41.96 17.66
#